data_5VEX
#
_entry.id   5VEX
#
_cell.length_a   64.810
_cell.length_b   67.510
_cell.length_c   83.660
_cell.angle_alpha   91.55
_cell.angle_beta   89.88
_cell.angle_gamma   107.56
#
_symmetry.space_group_name_H-M   'P 1'
#
loop_
_entity.id
_entity.type
_entity.pdbx_description
1 polymer 'Glucagon-like peptide 1 receptor, Endolysin chimera'
2 non-polymer 4-{[(4-cyclohexylphenyl){[3-(methylsulfonyl)phenyl]carbamoyl}amino]methyl}-N-(1H-tetrazol-5-yl)benzamide
#
_entity_poly.entity_id   1
_entity_poly.type   'polypeptide(L)'
_entity_poly.pdbx_seq_one_letter_code
;SESKRGERSSPEEQLLFLYIIYTVGYALSFSALVIASAILLGFRHLHCTRNYIHLNLFASFILRALCVFFKDAALKWMGS
GDGLLSYQDSLACRLVFLL(CSD)QYCVAANYYWLLVEGVYLYTLLAFNIFEMLRIDEGLRLKIYKDTEGYYTIGIGHLL
TKSPSLNAAKSELDKAIGRNTNGVITKDEAEKLFNQDVDAAVRGILRNAKLKPVYDSLDAVRRAALINMVFQMGETGVAG
FTNSLRMLQQKRWDEAAVNLAKSRWYNQTPNRAKRVITTFRTGTWDAYSEQWIFRLYVAIGWGVPLLFVVPWGIVKYLYE
DEGCWTRNSNMNYWLIIRLPILFACIVNFLIFVRVICIVVSKLKANLMCKTDIAFRLAKSTLTLIPLLCTHEVIFAFVMD
EHARGTLRFIKLFTELSFTSFQGLMVAILYCFVNNEVQLEFRKSWERWRLEHLHIQRDS
;
_entity_poly.pdbx_strand_id   A,B
#
loop_
_chem_comp.id
_chem_comp.type
_chem_comp.name
_chem_comp.formula
97V non-polymer 4-{[(4-cyclohexylphenyl){[3-(methylsulfonyl)phenyl]carbamoyl}amino]methyl}-N-(1H-tetrazol-5-yl)benzamide 'C29 H31 N7 O4 S'
#
# COMPACT_ATOMS: atom_id res chain seq x y z
N SER A 10 16.16 6.79 27.79
CA SER A 10 17.38 6.01 28.04
C SER A 10 17.73 5.13 26.82
N PRO A 11 19.05 4.96 26.48
CA PRO A 11 19.39 4.14 25.30
C PRO A 11 19.17 2.63 25.53
N GLU A 12 19.42 2.16 26.77
CA GLU A 12 19.28 0.75 27.16
C GLU A 12 17.81 0.34 27.23
N GLU A 13 16.95 1.20 27.84
CA GLU A 13 15.51 0.97 28.02
C GLU A 13 14.77 0.93 26.67
N GLN A 14 15.13 1.85 25.74
CA GLN A 14 14.54 1.93 24.40
C GLN A 14 14.85 0.67 23.59
N LEU A 15 16.12 0.22 23.65
CA LEU A 15 16.58 -0.99 22.95
C LEU A 15 15.97 -2.26 23.57
N LEU A 16 15.67 -2.23 24.88
CA LEU A 16 15.09 -3.35 25.62
C LEU A 16 13.58 -3.43 25.40
N PHE A 17 12.89 -2.28 25.34
CA PHE A 17 11.43 -2.24 25.16
C PHE A 17 11.03 -2.77 23.78
N LEU A 18 11.81 -2.42 22.74
CA LEU A 18 11.56 -2.87 21.36
C LEU A 18 11.79 -4.39 21.23
N TYR A 19 12.62 -4.98 22.12
CA TYR A 19 12.87 -6.42 22.18
C TYR A 19 11.65 -7.15 22.75
N ILE A 20 10.97 -6.53 23.75
CA ILE A 20 9.81 -7.11 24.44
C ILE A 20 8.63 -7.21 23.46
N ILE A 21 8.24 -6.08 22.81
CA ILE A 21 7.09 -6.01 21.89
C ILE A 21 7.34 -6.91 20.63
N TYR A 22 8.61 -7.28 20.36
CA TYR A 22 8.97 -8.13 19.23
C TYR A 22 8.85 -9.61 19.62
N THR A 23 9.40 -9.97 20.81
CA THR A 23 9.37 -11.35 21.31
C THR A 23 7.96 -11.74 21.76
N VAL A 24 7.19 -10.81 22.40
CA VAL A 24 5.80 -11.13 22.81
C VAL A 24 4.94 -11.20 21.53
N GLY A 25 5.42 -10.58 20.46
CA GLY A 25 4.76 -10.61 19.16
C GLY A 25 4.81 -11.99 18.56
N TYR A 26 6.01 -12.60 18.52
CA TYR A 26 6.19 -13.97 18.02
C TYR A 26 5.68 -14.98 19.05
N ALA A 27 5.68 -14.64 20.36
CA ALA A 27 5.15 -15.53 21.40
C ALA A 27 3.62 -15.68 21.24
N LEU A 28 2.88 -14.55 21.09
CA LEU A 28 1.43 -14.55 20.87
C LEU A 28 1.08 -15.14 19.51
N SER A 29 1.95 -14.94 18.49
CA SER A 29 1.73 -15.47 17.15
C SER A 29 1.89 -17.00 17.14
N PHE A 30 3.08 -17.51 17.55
CA PHE A 30 3.38 -18.94 17.59
C PHE A 30 2.26 -19.71 18.31
N SER A 31 1.88 -19.27 19.53
CA SER A 31 0.84 -19.87 20.36
C SER A 31 -0.50 -19.92 19.61
N ALA A 32 -0.98 -18.77 19.11
CA ALA A 32 -2.25 -18.67 18.39
C ALA A 32 -2.25 -19.48 17.08
N LEU A 33 -1.09 -19.58 16.39
CA LEU A 33 -0.96 -20.32 15.14
C LEU A 33 -0.94 -21.84 15.39
N VAL A 34 -0.35 -22.31 16.50
CA VAL A 34 -0.33 -23.74 16.83
C VAL A 34 -1.75 -24.14 17.28
N ILE A 35 -2.46 -23.24 18.02
CA ILE A 35 -3.84 -23.42 18.47
C ILE A 35 -4.77 -23.45 17.25
N ALA A 36 -4.65 -22.45 16.34
CA ALA A 36 -5.46 -22.33 15.12
C ALA A 36 -5.30 -23.57 14.21
N SER A 37 -4.04 -24.05 14.03
CA SER A 37 -3.76 -25.23 13.21
C SER A 37 -4.32 -26.49 13.86
N ALA A 38 -4.30 -26.56 15.21
CA ALA A 38 -4.86 -27.70 15.96
C ALA A 38 -6.38 -27.75 15.84
N ILE A 39 -7.05 -26.57 15.75
CA ILE A 39 -8.51 -26.45 15.59
C ILE A 39 -8.91 -26.98 14.20
N LEU A 40 -8.23 -26.51 13.12
CA LEU A 40 -8.52 -26.90 11.75
C LEU A 40 -8.31 -28.41 11.51
N LEU A 41 -7.31 -29.02 12.17
CA LEU A 41 -7.04 -30.45 12.06
C LEU A 41 -7.96 -31.26 13.00
N GLY A 42 -8.15 -30.79 14.23
CA GLY A 42 -8.94 -31.43 15.26
C GLY A 42 -10.39 -31.71 14.93
N PHE A 43 -11.11 -30.68 14.41
CA PHE A 43 -12.52 -30.82 14.07
C PHE A 43 -12.66 -31.38 12.64
N ARG A 44 -13.35 -32.52 12.51
CA ARG A 44 -13.56 -33.30 11.29
C ARG A 44 -14.26 -32.52 10.17
N HIS A 45 -15.25 -31.67 10.53
CA HIS A 45 -16.03 -30.92 9.54
C HIS A 45 -15.24 -29.72 8.95
N LEU A 46 -14.02 -29.45 9.45
CA LEU A 46 -13.19 -28.37 8.95
C LEU A 46 -12.15 -28.88 7.94
N HIS A 47 -12.20 -30.18 7.58
CA HIS A 47 -11.24 -30.76 6.63
C HIS A 47 -11.69 -30.49 5.18
N CYS A 48 -11.44 -29.27 4.71
CA CYS A 48 -11.72 -28.83 3.34
C CYS A 48 -10.52 -28.07 2.78
N THR A 49 -10.41 -28.00 1.43
CA THR A 49 -9.32 -27.37 0.67
C THR A 49 -8.99 -25.96 1.20
N ARG A 50 -10.01 -25.09 1.42
CA ARG A 50 -9.86 -23.72 1.96
C ARG A 50 -9.05 -23.72 3.27
N ASN A 51 -9.33 -24.65 4.19
CA ASN A 51 -8.65 -24.71 5.47
C ASN A 51 -7.27 -25.39 5.33
N TYR A 52 -7.06 -26.31 4.36
CA TYR A 52 -5.73 -26.93 4.17
C TYR A 52 -4.73 -25.90 3.66
N ILE A 53 -5.20 -24.95 2.81
CA ILE A 53 -4.39 -23.85 2.25
C ILE A 53 -3.95 -22.92 3.41
N HIS A 54 -4.85 -22.67 4.39
CA HIS A 54 -4.56 -21.85 5.57
C HIS A 54 -3.49 -22.51 6.45
N LEU A 55 -3.54 -23.85 6.63
CA LEU A 55 -2.59 -24.62 7.45
C LEU A 55 -1.16 -24.49 6.91
N ASN A 56 -1.00 -24.56 5.57
CA ASN A 56 0.30 -24.39 4.91
C ASN A 56 0.80 -22.95 5.07
N LEU A 57 -0.14 -21.96 5.11
CA LEU A 57 0.18 -20.56 5.36
C LEU A 57 0.59 -20.37 6.83
N PHE A 58 -0.10 -21.06 7.78
CA PHE A 58 0.25 -20.99 9.21
C PHE A 58 1.62 -21.60 9.44
N ALA A 59 1.91 -22.74 8.76
CA ALA A 59 3.17 -23.48 8.86
C ALA A 59 4.37 -22.60 8.51
N SER A 60 4.21 -21.72 7.50
CA SER A 60 5.28 -20.81 7.10
C SER A 60 5.48 -19.72 8.18
N PHE A 61 4.41 -19.31 8.89
CA PHE A 61 4.53 -18.34 9.99
C PHE A 61 5.05 -19.00 11.28
N ILE A 62 4.77 -20.31 11.48
CA ILE A 62 5.23 -21.06 12.67
C ILE A 62 6.74 -21.28 12.55
N LEU A 63 7.23 -21.76 11.37
CA LEU A 63 8.66 -21.99 11.11
C LEU A 63 9.45 -20.67 11.08
N ARG A 64 8.80 -19.54 10.73
CA ARG A 64 9.45 -18.22 10.75
C ARG A 64 9.73 -17.83 12.20
N ALA A 65 8.71 -18.04 13.09
CA ALA A 65 8.81 -17.79 14.53
C ALA A 65 9.87 -18.68 15.17
N LEU A 66 9.94 -19.96 14.74
CA LEU A 66 10.94 -20.94 15.20
C LEU A 66 12.37 -20.46 14.92
N CYS A 67 12.60 -19.79 13.77
CA CYS A 67 13.90 -19.21 13.40
C CYS A 67 14.21 -18.02 14.32
N VAL A 68 13.19 -17.22 14.64
CA VAL A 68 13.30 -16.04 15.53
C VAL A 68 13.65 -16.52 16.96
N PHE A 69 12.95 -17.58 17.47
CA PHE A 69 13.21 -18.09 18.82
C PHE A 69 14.56 -18.81 18.90
N PHE A 70 15.00 -19.47 17.80
CA PHE A 70 16.29 -20.17 17.77
C PHE A 70 17.45 -19.18 17.77
N LYS A 71 17.32 -18.09 16.98
CA LYS A 71 18.33 -17.03 16.88
C LYS A 71 18.55 -16.38 18.24
N ASP A 72 17.44 -16.13 18.98
CA ASP A 72 17.45 -15.53 20.32
C ASP A 72 18.09 -16.49 21.35
N ALA A 73 17.77 -17.81 21.25
CA ALA A 73 18.27 -18.84 22.16
C ALA A 73 19.77 -19.14 21.93
N ALA A 74 20.21 -19.14 20.65
CA ALA A 74 21.59 -19.44 20.27
C ALA A 74 22.55 -18.28 20.64
N LEU A 75 22.00 -17.11 21.06
CA LEU A 75 22.81 -15.97 21.51
C LEU A 75 23.51 -16.31 22.83
N LYS A 76 22.96 -17.30 23.57
CA LYS A 76 23.52 -17.80 24.82
C LYS A 76 24.79 -18.64 24.48
N TRP A 77 25.93 -17.93 24.28
CA TRP A 77 27.25 -18.44 23.87
C TRP A 77 27.15 -19.23 22.57
N LEU A 85 34.38 -18.04 19.27
CA LEU A 85 33.78 -17.71 17.98
C LEU A 85 32.34 -17.22 18.18
N SER A 86 32.09 -15.95 17.77
CA SER A 86 30.80 -15.26 17.92
C SER A 86 29.70 -15.93 17.08
N TYR A 87 28.42 -15.61 17.41
CA TYR A 87 27.24 -16.14 16.73
C TYR A 87 27.13 -15.56 15.31
N GLN A 88 27.58 -14.31 15.09
CA GLN A 88 27.55 -13.68 13.76
C GLN A 88 28.48 -14.40 12.77
N ASP A 89 29.62 -14.94 13.27
CA ASP A 89 30.62 -15.64 12.45
C ASP A 89 30.26 -17.13 12.21
N SER A 90 29.35 -17.71 13.02
CA SER A 90 28.98 -19.14 12.92
C SER A 90 28.18 -19.43 11.63
N LEU A 91 28.36 -20.65 11.10
CA LEU A 91 27.69 -21.10 9.87
C LEU A 91 26.25 -21.53 10.21
N ALA A 92 26.01 -22.00 11.46
CA ALA A 92 24.71 -22.41 11.95
C ALA A 92 23.69 -21.26 11.89
N CYS A 93 24.13 -20.03 12.19
CA CYS A 93 23.31 -18.82 12.14
C CYS A 93 22.85 -18.54 10.72
N ARG A 94 23.78 -18.63 9.75
CA ARG A 94 23.56 -18.38 8.32
C ARG A 94 22.48 -19.34 7.78
N LEU A 95 22.47 -20.61 8.27
CA LEU A 95 21.47 -21.64 7.91
C LEU A 95 20.09 -21.27 8.47
N VAL A 96 20.05 -20.73 9.72
CA VAL A 96 18.83 -20.30 10.40
C VAL A 96 18.26 -19.06 9.67
N PHE A 97 19.15 -18.14 9.28
CA PHE A 97 18.80 -16.93 8.54
C PHE A 97 18.32 -17.27 7.11
N LEU A 98 18.86 -18.36 6.51
CA LEU A 98 18.44 -18.84 5.19
C LEU A 98 17.05 -19.45 5.29
N LEU A 99 16.81 -20.22 6.39
CA LEU A 99 15.53 -20.85 6.68
C LEU A 99 14.49 -19.78 7.01
N CSD A 100 14.93 -18.66 7.63
CA CSD A 100 14.08 -17.51 7.95
CB CSD A 100 14.71 -16.47 8.90
SG CSD A 100 13.58 -15.03 9.15
C CSD A 100 13.59 -16.86 6.63
O CSD A 100 12.39 -16.70 6.45
OD1 CSD A 100 14.20 -13.77 8.76
OD2 CSD A 100 13.44 -14.89 10.69
N GLN A 101 14.53 -16.56 5.71
CA GLN A 101 14.24 -15.96 4.40
C GLN A 101 13.40 -16.89 3.52
N TYR A 102 13.50 -18.23 3.74
CA TYR A 102 12.67 -19.18 3.00
C TYR A 102 11.21 -19.07 3.47
N CYS A 103 11.00 -18.90 4.80
CA CYS A 103 9.67 -18.74 5.41
C CYS A 103 9.04 -17.43 4.97
N VAL A 104 9.83 -16.34 4.85
CA VAL A 104 9.32 -15.03 4.42
C VAL A 104 8.76 -15.18 2.98
N ALA A 105 9.54 -15.77 2.05
CA ALA A 105 9.12 -16.00 0.67
C ALA A 105 7.86 -16.90 0.61
N ALA A 106 7.80 -17.94 1.49
CA ALA A 106 6.68 -18.86 1.59
C ALA A 106 5.39 -18.13 2.08
N ASN A 107 5.54 -17.15 3.00
CA ASN A 107 4.41 -16.34 3.50
C ASN A 107 3.73 -15.61 2.36
N TYR A 108 4.54 -14.97 1.47
CA TYR A 108 4.07 -14.18 0.31
C TYR A 108 3.57 -15.05 -0.85
N TYR A 109 3.91 -16.36 -0.90
CA TYR A 109 3.41 -17.20 -1.98
C TYR A 109 2.21 -18.04 -1.47
N TRP A 110 2.15 -18.36 -0.16
CA TRP A 110 0.95 -19.02 0.39
C TRP A 110 -0.15 -17.98 0.54
N LEU A 111 0.21 -16.68 0.51
CA LEU A 111 -0.73 -15.56 0.45
C LEU A 111 -1.22 -15.40 -1.00
N LEU A 112 -0.35 -15.77 -1.98
CA LEU A 112 -0.66 -15.71 -3.40
C LEU A 112 -1.70 -16.78 -3.76
N VAL A 113 -1.49 -18.06 -3.34
CA VAL A 113 -2.49 -19.11 -3.65
C VAL A 113 -3.77 -18.82 -2.85
N GLU A 114 -3.63 -18.10 -1.71
CA GLU A 114 -4.76 -17.70 -0.87
C GLU A 114 -5.69 -16.74 -1.64
N GLY A 115 -5.07 -15.85 -2.44
CA GLY A 115 -5.76 -14.93 -3.32
C GLY A 115 -6.24 -15.59 -4.59
N VAL A 116 -5.44 -16.56 -5.12
CA VAL A 116 -5.78 -17.33 -6.33
C VAL A 116 -7.01 -18.19 -6.04
N TYR A 117 -7.01 -18.93 -4.91
CA TYR A 117 -8.13 -19.77 -4.51
C TYR A 117 -9.41 -18.95 -4.38
N LEU A 118 -9.34 -17.78 -3.70
CA LEU A 118 -10.47 -16.88 -3.50
C LEU A 118 -11.12 -16.50 -4.84
N TYR A 119 -10.29 -16.11 -5.84
CA TYR A 119 -10.73 -15.71 -7.17
C TYR A 119 -11.44 -16.87 -7.90
N THR A 120 -10.88 -18.10 -7.82
CA THR A 120 -11.49 -19.29 -8.46
C THR A 120 -12.79 -19.68 -7.73
N LEU A 121 -12.86 -19.39 -6.42
CA LEU A 121 -14.02 -19.69 -5.56
C LEU A 121 -15.22 -18.80 -5.95
N LEU A 122 -14.96 -17.54 -6.37
CA LEU A 122 -15.99 -16.56 -6.79
C LEU A 122 -16.49 -16.86 -8.21
N ALA A 123 -15.65 -17.51 -9.03
CA ALA A 123 -15.93 -17.82 -10.42
C ALA A 123 -16.81 -19.09 -10.56
N PHE A 124 -16.62 -20.08 -9.66
CA PHE A 124 -17.40 -21.32 -9.74
C PHE A 124 -18.78 -21.07 -9.16
N ASN A 125 -19.81 -21.52 -9.89
CA ASN A 125 -21.22 -21.34 -9.56
C ASN A 125 -22.05 -22.54 -10.05
N ILE A 126 -23.39 -22.44 -10.00
CA ILE A 126 -24.31 -23.49 -10.45
C ILE A 126 -24.14 -23.75 -11.97
N PHE A 127 -23.88 -22.70 -12.77
CA PHE A 127 -23.72 -22.80 -14.22
C PHE A 127 -22.46 -23.58 -14.60
N GLU A 128 -21.45 -23.59 -13.71
CA GLU A 128 -20.21 -24.35 -13.93
C GLU A 128 -20.31 -25.74 -13.27
N MET A 129 -21.19 -25.87 -12.23
CA MET A 129 -21.46 -27.13 -11.55
C MET A 129 -22.18 -28.07 -12.51
N LEU A 130 -23.31 -27.60 -13.10
CA LEU A 130 -24.16 -28.33 -14.06
C LEU A 130 -23.46 -28.58 -15.40
N ARG A 131 -22.50 -27.71 -15.81
CA ARG A 131 -21.76 -27.89 -17.06
C ARG A 131 -20.82 -29.09 -16.98
N ILE A 132 -20.35 -29.42 -15.75
CA ILE A 132 -19.49 -30.56 -15.48
C ILE A 132 -20.34 -31.85 -15.41
N ASP A 133 -21.48 -31.81 -14.70
CA ASP A 133 -22.36 -32.97 -14.51
C ASP A 133 -23.18 -33.30 -15.76
N GLU A 134 -23.95 -32.33 -16.29
CA GLU A 134 -24.86 -32.54 -17.42
C GLU A 134 -24.11 -32.61 -18.77
N GLY A 135 -22.93 -32.00 -18.85
CA GLY A 135 -22.14 -31.98 -20.08
C GLY A 135 -22.72 -31.10 -21.17
N LEU A 136 -22.28 -31.30 -22.43
CA LEU A 136 -22.75 -30.51 -23.57
C LEU A 136 -23.02 -31.39 -24.80
N ARG A 137 -24.14 -31.11 -25.49
CA ARG A 137 -24.54 -31.81 -26.71
C ARG A 137 -24.71 -30.82 -27.86
N LEU A 138 -24.19 -31.17 -29.03
CA LEU A 138 -24.28 -30.36 -30.25
C LEU A 138 -25.56 -30.72 -31.02
N LYS A 139 -25.84 -32.04 -31.16
CA LYS A 139 -27.01 -32.60 -31.85
C LYS A 139 -28.03 -33.19 -30.85
N ILE A 140 -29.29 -33.39 -31.29
CA ILE A 140 -30.37 -33.99 -30.50
C ILE A 140 -30.05 -35.48 -30.26
N TYR A 141 -30.11 -35.95 -29.00
CA TYR A 141 -29.80 -37.33 -28.65
C TYR A 141 -30.99 -38.01 -27.93
N LYS A 142 -31.31 -39.26 -28.33
CA LYS A 142 -32.34 -40.07 -27.70
C LYS A 142 -31.75 -40.74 -26.45
N ASP A 143 -32.07 -40.19 -25.25
CA ASP A 143 -31.54 -40.63 -23.97
C ASP A 143 -32.17 -42.00 -23.57
N THR A 144 -31.50 -42.72 -22.64
CA THR A 144 -31.85 -44.07 -22.15
C THR A 144 -33.33 -44.22 -21.69
N GLU A 145 -33.93 -43.16 -21.11
CA GLU A 145 -35.32 -43.22 -20.62
C GLU A 145 -36.33 -43.14 -21.77
N GLY A 146 -35.99 -42.40 -22.81
CA GLY A 146 -36.84 -42.20 -23.97
C GLY A 146 -37.01 -40.75 -24.36
N TYR A 147 -36.38 -39.84 -23.59
CA TYR A 147 -36.43 -38.39 -23.80
C TYR A 147 -35.35 -37.92 -24.78
N TYR A 148 -35.64 -36.89 -25.56
CA TYR A 148 -34.67 -36.29 -26.49
C TYR A 148 -34.04 -35.08 -25.82
N THR A 149 -32.74 -35.16 -25.55
CA THR A 149 -31.97 -34.12 -24.86
C THR A 149 -30.95 -33.48 -25.84
N ILE A 150 -30.55 -32.23 -25.55
CA ILE A 150 -29.59 -31.43 -26.32
C ILE A 150 -29.07 -30.27 -25.42
N GLY A 151 -27.87 -29.78 -25.71
CA GLY A 151 -27.25 -28.70 -24.95
C GLY A 151 -26.76 -29.17 -23.61
N ILE A 152 -27.05 -28.40 -22.54
CA ILE A 152 -26.63 -28.77 -21.19
C ILE A 152 -27.89 -29.27 -20.44
N GLY A 153 -28.12 -30.58 -20.53
CA GLY A 153 -29.22 -31.30 -19.88
C GLY A 153 -30.63 -30.79 -20.14
N HIS A 154 -30.91 -30.32 -21.37
CA HIS A 154 -32.23 -29.80 -21.70
C HIS A 154 -33.09 -30.89 -22.37
N LEU A 155 -34.00 -31.49 -21.59
CA LEU A 155 -34.92 -32.51 -22.10
C LEU A 155 -36.07 -31.84 -22.85
N LEU A 156 -36.61 -32.50 -23.87
CA LEU A 156 -37.70 -31.96 -24.67
C LEU A 156 -39.01 -32.74 -24.37
N THR A 157 -39.25 -33.87 -25.08
CA THR A 157 -40.44 -34.70 -24.88
C THR A 157 -40.01 -36.19 -24.94
N LYS A 158 -40.77 -37.07 -24.25
CA LYS A 158 -40.51 -38.52 -24.18
C LYS A 158 -41.04 -39.23 -25.44
N SER A 159 -41.91 -38.53 -26.22
CA SER A 159 -42.53 -39.04 -27.45
C SER A 159 -41.47 -39.58 -28.42
N PRO A 160 -41.56 -40.88 -28.82
CA PRO A 160 -40.53 -41.46 -29.69
C PRO A 160 -40.69 -40.97 -31.15
N SER A 161 -40.23 -39.73 -31.42
CA SER A 161 -40.30 -39.08 -32.72
C SER A 161 -39.27 -37.96 -32.81
N LEU A 162 -38.21 -38.17 -33.61
CA LEU A 162 -37.12 -37.21 -33.83
C LEU A 162 -37.63 -36.02 -34.64
N ASN A 163 -38.60 -36.25 -35.55
CA ASN A 163 -39.23 -35.24 -36.41
C ASN A 163 -40.00 -34.22 -35.56
N ALA A 164 -40.69 -34.68 -34.49
CA ALA A 164 -41.45 -33.82 -33.58
C ALA A 164 -40.53 -33.17 -32.53
N ALA A 165 -39.43 -33.87 -32.15
CA ALA A 165 -38.44 -33.37 -31.19
C ALA A 165 -37.70 -32.15 -31.76
N LYS A 166 -37.40 -32.18 -33.07
CA LYS A 166 -36.73 -31.11 -33.79
C LYS A 166 -37.68 -29.91 -33.97
N SER A 167 -38.98 -30.18 -34.16
CA SER A 167 -40.01 -29.14 -34.32
C SER A 167 -40.38 -28.53 -32.97
N GLU A 168 -40.18 -29.28 -31.86
CA GLU A 168 -40.44 -28.80 -30.50
C GLU A 168 -39.32 -27.86 -30.06
N LEU A 169 -38.06 -28.24 -30.38
CA LEU A 169 -36.85 -27.47 -30.05
C LEU A 169 -36.81 -26.16 -30.86
N ASP A 170 -37.31 -26.18 -32.11
CA ASP A 170 -37.37 -25.03 -33.02
C ASP A 170 -38.23 -23.90 -32.44
N LYS A 171 -39.32 -24.25 -31.72
CA LYS A 171 -40.21 -23.28 -31.07
C LYS A 171 -39.52 -22.67 -29.85
N ALA A 172 -38.66 -23.46 -29.17
CA ALA A 172 -37.93 -23.05 -27.96
C ALA A 172 -36.70 -22.19 -28.29
N ILE A 173 -36.02 -22.44 -29.43
CA ILE A 173 -34.80 -21.69 -29.77
C ILE A 173 -35.15 -20.49 -30.71
N GLY A 174 -36.15 -20.67 -31.58
CA GLY A 174 -36.58 -19.63 -32.52
C GLY A 174 -36.40 -20.02 -33.97
N ARG A 175 -35.14 -20.01 -34.46
CA ARG A 175 -34.79 -20.36 -35.83
C ARG A 175 -34.88 -21.88 -36.06
N ASN A 176 -34.82 -22.31 -37.34
CA ASN A 176 -34.87 -23.73 -37.71
C ASN A 176 -33.63 -24.45 -37.17
N THR A 177 -33.84 -25.55 -36.44
CA THR A 177 -32.78 -26.31 -35.77
C THR A 177 -31.97 -27.17 -36.76
N ASN A 178 -32.68 -28.03 -37.56
CA ASN A 178 -32.12 -29.00 -38.52
C ASN A 178 -31.51 -30.20 -37.76
N GLY A 179 -30.83 -29.91 -36.65
CA GLY A 179 -30.19 -30.90 -35.80
C GLY A 179 -29.05 -30.35 -34.96
N VAL A 180 -28.11 -29.64 -35.62
CA VAL A 180 -26.92 -29.06 -34.99
C VAL A 180 -27.28 -27.69 -34.36
N ILE A 181 -26.95 -27.52 -33.06
CA ILE A 181 -27.15 -26.31 -32.26
C ILE A 181 -25.78 -25.88 -31.69
N THR A 182 -25.39 -24.61 -31.94
CA THR A 182 -24.08 -24.05 -31.53
C THR A 182 -23.98 -23.85 -29.99
N LYS A 183 -22.76 -23.47 -29.53
CA LYS A 183 -22.40 -23.24 -28.12
C LYS A 183 -23.21 -22.09 -27.49
N ASP A 184 -23.43 -20.98 -28.23
CA ASP A 184 -24.14 -19.81 -27.74
C ASP A 184 -25.64 -20.09 -27.57
N GLU A 185 -26.23 -20.89 -28.47
CA GLU A 185 -27.65 -21.25 -28.44
C GLU A 185 -27.96 -22.17 -27.24
N ALA A 186 -27.05 -23.12 -26.92
CA ALA A 186 -27.17 -24.06 -25.81
C ALA A 186 -27.10 -23.34 -24.45
N GLU A 187 -26.15 -22.37 -24.31
CA GLU A 187 -25.95 -21.56 -23.10
C GLU A 187 -27.16 -20.65 -22.85
N LYS A 188 -27.82 -20.19 -23.92
CA LYS A 188 -29.01 -19.33 -23.85
C LYS A 188 -30.19 -20.13 -23.26
N LEU A 189 -30.39 -21.39 -23.73
CA LEU A 189 -31.44 -22.29 -23.25
C LEU A 189 -31.10 -22.84 -21.87
N PHE A 190 -29.79 -22.96 -21.55
CA PHE A 190 -29.31 -23.45 -20.25
C PHE A 190 -29.63 -22.43 -19.15
N ASN A 191 -29.52 -21.12 -19.44
CA ASN A 191 -29.84 -20.05 -18.48
C ASN A 191 -31.35 -20.04 -18.19
N GLN A 192 -32.17 -20.40 -19.20
CA GLN A 192 -33.63 -20.49 -19.11
C GLN A 192 -34.07 -21.60 -18.16
N ASP A 193 -33.44 -22.80 -18.30
CA ASP A 193 -33.74 -23.98 -17.49
C ASP A 193 -33.38 -23.77 -16.02
N VAL A 194 -32.25 -23.11 -15.74
CA VAL A 194 -31.80 -22.82 -14.36
C VAL A 194 -32.79 -21.79 -13.74
N ASP A 195 -33.24 -20.80 -14.54
CA ASP A 195 -34.23 -19.81 -14.09
C ASP A 195 -35.59 -20.51 -13.87
N ALA A 196 -35.88 -21.56 -14.66
CA ALA A 196 -37.09 -22.37 -14.53
C ALA A 196 -36.96 -23.32 -13.33
N ALA A 197 -35.71 -23.64 -12.94
CA ALA A 197 -35.44 -24.52 -11.80
C ALA A 197 -35.59 -23.80 -10.48
N VAL A 198 -35.18 -22.51 -10.42
CA VAL A 198 -35.27 -21.74 -9.17
C VAL A 198 -36.73 -21.31 -8.95
N ARG A 199 -37.48 -20.94 -10.03
CA ARG A 199 -38.90 -20.54 -9.88
C ARG A 199 -39.75 -21.72 -9.40
N GLY A 200 -39.37 -22.94 -9.76
CA GLY A 200 -40.03 -24.17 -9.33
C GLY A 200 -39.89 -24.42 -7.85
N ILE A 201 -38.67 -24.15 -7.31
CA ILE A 201 -38.32 -24.29 -5.89
C ILE A 201 -39.15 -23.30 -5.06
N LEU A 202 -39.14 -22.00 -5.46
CA LEU A 202 -39.85 -20.90 -4.78
C LEU A 202 -41.38 -21.05 -4.91
N ARG A 203 -41.88 -21.72 -5.98
CA ARG A 203 -43.31 -21.98 -6.17
C ARG A 203 -43.74 -23.20 -5.33
N ASN A 204 -42.78 -24.08 -4.96
CA ASN A 204 -43.04 -25.29 -4.17
C ASN A 204 -43.01 -24.92 -2.67
N ALA A 205 -44.06 -25.35 -1.93
CA ALA A 205 -44.25 -25.08 -0.51
C ALA A 205 -43.28 -25.87 0.38
N LYS A 206 -42.76 -27.01 -0.11
CA LYS A 206 -41.84 -27.87 0.65
C LYS A 206 -40.35 -27.59 0.30
N LEU A 207 -40.08 -26.81 -0.77
CA LEU A 207 -38.72 -26.51 -1.21
C LEU A 207 -38.29 -25.08 -0.89
N LYS A 208 -39.23 -24.09 -0.86
CA LYS A 208 -38.89 -22.68 -0.59
C LYS A 208 -38.32 -22.51 0.87
N PRO A 209 -38.90 -23.11 1.95
CA PRO A 209 -38.33 -22.88 3.29
C PRO A 209 -36.90 -23.41 3.44
N VAL A 210 -36.57 -24.59 2.85
CA VAL A 210 -35.25 -25.18 2.94
C VAL A 210 -34.28 -24.35 2.03
N TYR A 211 -34.72 -23.91 0.84
CA TYR A 211 -33.91 -23.10 -0.07
C TYR A 211 -33.54 -21.77 0.55
N ASP A 212 -34.49 -21.13 1.26
CA ASP A 212 -34.26 -19.83 1.90
C ASP A 212 -33.40 -20.00 3.16
N SER A 213 -33.33 -21.22 3.73
CA SER A 213 -32.50 -21.49 4.91
C SER A 213 -31.07 -21.91 4.48
N LEU A 214 -30.92 -22.45 3.25
CA LEU A 214 -29.63 -22.87 2.73
C LEU A 214 -28.80 -21.69 2.23
N ASP A 215 -27.47 -21.81 2.40
CA ASP A 215 -26.46 -20.86 1.89
C ASP A 215 -26.34 -20.99 0.37
N ALA A 216 -25.78 -19.99 -0.31
CA ALA A 216 -25.64 -19.96 -1.78
C ALA A 216 -24.96 -21.24 -2.35
N VAL A 217 -23.98 -21.82 -1.63
CA VAL A 217 -23.25 -23.01 -2.09
C VAL A 217 -24.17 -24.24 -2.01
N ARG A 218 -24.86 -24.45 -0.87
CA ARG A 218 -25.77 -25.60 -0.71
C ARG A 218 -27.08 -25.37 -1.48
N ARG A 219 -27.43 -24.10 -1.84
CA ARG A 219 -28.59 -23.76 -2.67
C ARG A 219 -28.43 -24.34 -4.06
N ALA A 220 -27.21 -24.19 -4.63
CA ALA A 220 -26.82 -24.71 -5.94
C ALA A 220 -26.92 -26.23 -5.97
N ALA A 221 -26.60 -26.90 -4.83
CA ALA A 221 -26.72 -28.35 -4.68
C ALA A 221 -28.19 -28.77 -4.77
N LEU A 222 -29.12 -27.93 -4.25
CA LEU A 222 -30.57 -28.18 -4.29
C LEU A 222 -31.11 -27.92 -5.72
N ILE A 223 -30.60 -26.87 -6.41
CA ILE A 223 -30.96 -26.53 -7.79
C ILE A 223 -30.51 -27.65 -8.75
N ASN A 224 -29.30 -28.21 -8.52
CA ASN A 224 -28.72 -29.29 -9.32
C ASN A 224 -29.64 -30.53 -9.32
N MET A 225 -30.30 -30.84 -8.18
CA MET A 225 -31.21 -32.00 -8.07
C MET A 225 -32.51 -31.74 -8.85
N VAL A 226 -33.06 -30.51 -8.74
CA VAL A 226 -34.27 -30.05 -9.44
C VAL A 226 -34.01 -30.05 -10.96
N PHE A 227 -32.77 -29.70 -11.38
CA PHE A 227 -32.37 -29.66 -12.78
C PHE A 227 -32.32 -31.09 -13.37
N GLN A 228 -32.03 -32.11 -12.54
CA GLN A 228 -31.97 -33.50 -13.00
C GLN A 228 -33.33 -34.22 -12.86
N MET A 229 -33.98 -34.09 -11.68
CA MET A 229 -35.20 -34.80 -11.32
C MET A 229 -36.48 -33.96 -11.58
N GLY A 230 -36.55 -32.77 -11.01
CA GLY A 230 -37.71 -31.88 -11.12
C GLY A 230 -38.21 -31.41 -9.77
N GLU A 231 -38.97 -30.29 -9.76
CA GLU A 231 -39.50 -29.68 -8.53
C GLU A 231 -40.38 -30.66 -7.72
N THR A 232 -41.28 -31.40 -8.42
CA THR A 232 -42.21 -32.35 -7.81
C THR A 232 -41.49 -33.67 -7.39
N GLY A 233 -40.35 -33.96 -8.01
CA GLY A 233 -39.57 -35.16 -7.72
C GLY A 233 -38.71 -35.08 -6.47
N VAL A 234 -37.94 -33.96 -6.31
CA VAL A 234 -37.05 -33.75 -5.16
C VAL A 234 -37.88 -33.41 -3.90
N ALA A 235 -39.15 -32.98 -4.09
CA ALA A 235 -40.08 -32.66 -3.01
C ALA A 235 -40.47 -33.93 -2.23
N GLY A 236 -40.22 -35.09 -2.83
CA GLY A 236 -40.46 -36.40 -2.24
C GLY A 236 -39.53 -36.72 -1.09
N PHE A 237 -38.34 -36.09 -1.06
CA PHE A 237 -37.34 -36.27 0.01
C PHE A 237 -37.76 -35.48 1.27
N THR A 238 -38.98 -35.71 1.77
CA THR A 238 -39.56 -35.04 2.94
C THR A 238 -38.69 -35.29 4.20
N ASN A 239 -38.11 -36.50 4.30
CA ASN A 239 -37.28 -36.91 5.43
C ASN A 239 -35.89 -36.22 5.37
N SER A 240 -35.34 -35.96 4.15
CA SER A 240 -34.01 -35.36 3.95
C SER A 240 -34.04 -33.82 3.93
N LEU A 241 -35.07 -33.21 3.31
CA LEU A 241 -35.20 -31.75 3.20
C LEU A 241 -35.43 -31.10 4.58
N ARG A 242 -36.04 -31.85 5.52
CA ARG A 242 -36.33 -31.36 6.88
C ARG A 242 -35.03 -31.22 7.70
N MET A 243 -34.14 -32.22 7.63
CA MET A 243 -32.89 -32.21 8.38
C MET A 243 -31.84 -31.29 7.67
N LEU A 244 -32.08 -30.87 6.41
CA LEU A 244 -31.21 -29.88 5.74
C LEU A 244 -31.53 -28.47 6.25
N GLN A 245 -32.82 -28.21 6.54
CA GLN A 245 -33.32 -26.93 7.07
C GLN A 245 -32.90 -26.79 8.55
N GLN A 246 -32.85 -27.91 9.30
CA GLN A 246 -32.45 -27.97 10.71
C GLN A 246 -30.91 -27.90 10.87
N LYS A 247 -30.18 -27.63 9.76
CA LYS A 247 -28.72 -27.49 9.67
C LYS A 247 -27.98 -28.83 9.98
N ARG A 248 -28.70 -29.98 9.92
CA ARG A 248 -28.09 -31.30 10.15
C ARG A 248 -27.63 -31.85 8.80
N TRP A 249 -26.35 -31.59 8.44
CA TRP A 249 -25.80 -31.93 7.14
C TRP A 249 -25.47 -33.42 7.02
N ASP A 250 -24.66 -33.95 7.96
CA ASP A 250 -24.19 -35.33 7.94
C ASP A 250 -25.33 -36.33 8.13
N GLU A 251 -26.39 -35.96 8.87
CA GLU A 251 -27.55 -36.83 9.07
C GLU A 251 -28.33 -36.94 7.75
N ALA A 252 -28.37 -35.85 6.96
CA ALA A 252 -29.03 -35.81 5.66
C ALA A 252 -28.18 -36.48 4.59
N ALA A 253 -26.84 -36.41 4.74
CA ALA A 253 -25.85 -36.96 3.81
C ALA A 253 -25.98 -38.49 3.69
N VAL A 254 -26.08 -39.20 4.84
CA VAL A 254 -26.20 -40.67 4.87
C VAL A 254 -27.66 -41.05 4.46
N ASN A 255 -28.63 -40.12 4.66
CA ASN A 255 -30.05 -40.32 4.33
C ASN A 255 -30.26 -40.30 2.80
N LEU A 256 -29.58 -39.37 2.07
CA LEU A 256 -29.67 -39.25 0.61
C LEU A 256 -28.95 -40.43 -0.11
N ALA A 257 -28.04 -41.13 0.60
CA ALA A 257 -27.35 -42.31 0.07
C ALA A 257 -28.30 -43.50 0.00
N LYS A 258 -29.27 -43.56 0.94
CA LYS A 258 -30.30 -44.59 1.04
C LYS A 258 -31.53 -44.21 0.19
N SER A 259 -31.30 -43.62 -0.99
CA SER A 259 -32.37 -43.14 -1.87
C SER A 259 -32.32 -43.79 -3.27
N ARG A 260 -33.44 -43.64 -4.00
CA ARG A 260 -33.64 -44.09 -5.39
C ARG A 260 -32.67 -43.36 -6.34
N TRP A 261 -32.37 -42.09 -6.02
CA TRP A 261 -31.49 -41.19 -6.77
C TRP A 261 -30.02 -41.61 -6.67
N TYR A 262 -29.56 -42.07 -5.48
CA TYR A 262 -28.17 -42.48 -5.28
C TYR A 262 -27.86 -43.79 -6.03
N ASN A 263 -28.80 -44.75 -6.08
CA ASN A 263 -28.58 -46.03 -6.78
C ASN A 263 -28.74 -45.86 -8.31
N GLN A 264 -29.51 -44.84 -8.76
CA GLN A 264 -29.74 -44.54 -10.17
C GLN A 264 -28.48 -43.90 -10.80
N THR A 265 -28.05 -42.73 -10.26
CA THR A 265 -26.84 -42.01 -10.69
C THR A 265 -25.94 -41.79 -9.45
N PRO A 266 -24.98 -42.70 -9.17
CA PRO A 266 -24.19 -42.57 -7.93
C PRO A 266 -23.08 -41.52 -8.01
N ASN A 267 -22.37 -41.44 -9.17
CA ASN A 267 -21.25 -40.52 -9.35
C ASN A 267 -21.69 -39.05 -9.24
N ARG A 268 -22.90 -38.72 -9.77
CA ARG A 268 -23.44 -37.36 -9.69
C ARG A 268 -23.93 -37.07 -8.26
N ALA A 269 -24.59 -38.06 -7.61
CA ALA A 269 -25.11 -37.96 -6.25
C ALA A 269 -24.01 -37.73 -5.25
N LYS A 270 -22.87 -38.47 -5.37
CA LYS A 270 -21.71 -38.35 -4.48
C LYS A 270 -21.18 -36.92 -4.47
N ARG A 271 -21.21 -36.22 -5.62
CA ARG A 271 -20.75 -34.83 -5.76
C ARG A 271 -21.77 -33.83 -5.17
N VAL A 272 -23.08 -34.08 -5.36
CA VAL A 272 -24.14 -33.20 -4.87
C VAL A 272 -24.25 -33.34 -3.33
N ILE A 273 -24.26 -34.59 -2.79
CA ILE A 273 -24.37 -34.89 -1.36
C ILE A 273 -23.15 -34.29 -0.59
N THR A 274 -21.92 -34.36 -1.17
CA THR A 274 -20.72 -33.78 -0.54
C THR A 274 -20.91 -32.25 -0.38
N THR A 275 -21.53 -31.57 -1.39
CA THR A 275 -21.77 -30.13 -1.38
C THR A 275 -22.77 -29.77 -0.24
N PHE A 276 -23.80 -30.61 -0.01
CA PHE A 276 -24.73 -30.40 1.12
C PHE A 276 -24.07 -30.66 2.46
N ARG A 277 -23.17 -31.64 2.52
CA ARG A 277 -22.50 -32.06 3.73
C ARG A 277 -21.42 -31.03 4.14
N THR A 278 -20.54 -30.64 3.21
CA THR A 278 -19.40 -29.74 3.46
C THR A 278 -19.76 -28.24 3.30
N GLY A 279 -20.47 -27.91 2.23
CA GLY A 279 -20.82 -26.53 1.92
C GLY A 279 -19.78 -25.86 1.04
N THR A 280 -18.94 -26.69 0.36
CA THR A 280 -17.86 -26.24 -0.52
C THR A 280 -17.97 -26.95 -1.90
N TRP A 281 -17.11 -26.54 -2.86
CA TRP A 281 -17.05 -27.07 -4.21
C TRP A 281 -15.94 -28.15 -4.38
N ASP A 282 -15.44 -28.71 -3.25
CA ASP A 282 -14.35 -29.70 -3.24
C ASP A 282 -14.68 -30.98 -4.05
N ALA A 283 -15.97 -31.36 -4.16
CA ALA A 283 -16.39 -32.53 -4.94
C ALA A 283 -16.35 -32.24 -6.47
N TYR A 284 -16.10 -30.97 -6.85
CA TYR A 284 -15.97 -30.47 -8.23
C TYR A 284 -14.55 -29.92 -8.46
N SER A 285 -13.67 -30.10 -7.46
CA SER A 285 -12.27 -29.69 -7.48
C SER A 285 -11.36 -30.84 -7.91
N GLU A 286 -10.18 -30.51 -8.47
CA GLU A 286 -9.21 -31.53 -8.89
C GLU A 286 -8.05 -31.57 -7.89
N GLN A 287 -7.54 -32.78 -7.58
CA GLN A 287 -6.46 -33.05 -6.63
C GLN A 287 -5.11 -32.49 -7.12
N TRP A 288 -4.94 -32.30 -8.45
CA TRP A 288 -3.67 -31.77 -8.97
C TRP A 288 -3.59 -30.25 -8.75
N ILE A 289 -4.75 -29.56 -8.59
CA ILE A 289 -4.81 -28.12 -8.35
C ILE A 289 -4.12 -27.78 -7.00
N PHE A 290 -4.38 -28.58 -5.94
CA PHE A 290 -3.76 -28.38 -4.63
C PHE A 290 -2.25 -28.76 -4.69
N ARG A 291 -1.87 -29.68 -5.62
CA ARG A 291 -0.47 -30.03 -5.84
C ARG A 291 0.27 -28.87 -6.52
N LEU A 292 -0.48 -28.03 -7.26
CA LEU A 292 0.07 -26.87 -7.94
C LEU A 292 0.17 -25.70 -6.98
N TYR A 293 -0.60 -25.72 -5.87
CA TYR A 293 -0.49 -24.66 -4.85
C TYR A 293 0.71 -24.93 -3.94
N VAL A 294 0.95 -26.21 -3.57
CA VAL A 294 2.07 -26.59 -2.68
C VAL A 294 3.41 -26.37 -3.44
N ALA A 295 3.38 -26.43 -4.78
CA ALA A 295 4.54 -26.17 -5.63
C ALA A 295 4.80 -24.65 -5.78
N ILE A 296 3.78 -23.81 -5.46
CA ILE A 296 3.90 -22.36 -5.52
C ILE A 296 4.36 -21.83 -4.14
N GLY A 297 3.66 -22.23 -3.09
CA GLY A 297 3.98 -21.79 -1.72
C GLY A 297 5.32 -22.24 -1.18
N TRP A 298 5.72 -23.50 -1.42
CA TRP A 298 6.98 -24.03 -0.91
C TRP A 298 8.03 -24.22 -2.02
N GLY A 299 7.58 -24.51 -3.24
CA GLY A 299 8.43 -24.77 -4.40
C GLY A 299 9.06 -23.55 -5.05
N VAL A 300 8.25 -22.56 -5.45
CA VAL A 300 8.75 -21.34 -6.10
C VAL A 300 9.78 -20.61 -5.16
N PRO A 301 9.51 -20.37 -3.83
CA PRO A 301 10.53 -19.72 -2.98
C PRO A 301 11.90 -20.42 -3.04
N LEU A 302 11.89 -21.75 -3.16
CA LEU A 302 13.08 -22.57 -3.21
C LEU A 302 13.93 -22.26 -4.47
N LEU A 303 13.32 -21.72 -5.53
CA LEU A 303 13.98 -21.40 -6.80
C LEU A 303 14.82 -20.12 -6.74
N PHE A 304 14.49 -19.15 -5.86
CA PHE A 304 15.28 -17.90 -5.80
C PHE A 304 16.00 -17.75 -4.43
N VAL A 305 15.55 -18.45 -3.36
CA VAL A 305 16.18 -18.36 -2.04
C VAL A 305 17.49 -19.15 -2.03
N VAL A 306 17.58 -20.33 -2.70
CA VAL A 306 18.85 -21.07 -2.65
C VAL A 306 19.92 -20.31 -3.52
N PRO A 307 19.65 -19.76 -4.75
CA PRO A 307 20.73 -19.03 -5.46
C PRO A 307 21.20 -17.82 -4.66
N TRP A 308 20.27 -17.11 -3.94
CA TRP A 308 20.61 -15.98 -3.06
C TRP A 308 21.53 -16.46 -1.93
N GLY A 309 21.22 -17.62 -1.36
CA GLY A 309 22.02 -18.23 -0.30
C GLY A 309 23.41 -18.61 -0.77
N ILE A 310 23.51 -19.21 -1.98
CA ILE A 310 24.76 -19.66 -2.61
C ILE A 310 25.69 -18.45 -2.90
N VAL A 311 25.15 -17.36 -3.52
CA VAL A 311 25.94 -16.19 -3.89
C VAL A 311 26.35 -15.38 -2.63
N LYS A 312 25.53 -15.37 -1.56
CA LYS A 312 25.85 -14.65 -0.32
C LYS A 312 26.93 -15.41 0.46
N TYR A 313 26.90 -16.76 0.44
CA TYR A 313 27.92 -17.58 1.11
C TYR A 313 29.25 -17.52 0.34
N LEU A 314 29.21 -17.59 -1.01
CA LEU A 314 30.44 -17.59 -1.81
C LEU A 314 31.00 -16.17 -2.00
N TYR A 315 30.19 -15.09 -1.82
CA TYR A 315 30.72 -13.75 -2.07
C TYR A 315 30.49 -12.79 -0.86
N GLU A 316 29.24 -12.40 -0.56
CA GLU A 316 28.97 -11.44 0.52
C GLU A 316 28.79 -12.14 1.89
N ASP A 317 29.75 -12.99 2.29
CA ASP A 317 29.67 -13.70 3.57
C ASP A 317 30.32 -12.85 4.68
N GLU A 318 29.48 -12.14 5.48
CA GLU A 318 29.97 -11.28 6.56
C GLU A 318 28.88 -11.05 7.62
N GLY A 319 29.01 -11.74 8.76
CA GLY A 319 28.10 -11.66 9.90
C GLY A 319 26.68 -12.09 9.60
N CYS A 320 26.48 -13.40 9.27
CA CYS A 320 25.20 -14.04 8.91
C CYS A 320 24.56 -13.31 7.71
N TRP A 321 25.42 -12.72 6.84
CA TRP A 321 25.06 -11.95 5.64
C TRP A 321 24.22 -10.70 6.04
N THR A 322 24.73 -9.94 7.04
CA THR A 322 24.09 -8.70 7.52
C THR A 322 24.46 -7.53 6.60
N ARG A 323 25.76 -7.40 6.24
CA ARG A 323 26.29 -6.35 5.36
C ARG A 323 25.86 -6.63 3.90
N ASN A 324 24.55 -6.47 3.61
CA ASN A 324 23.96 -6.70 2.30
C ASN A 324 23.98 -5.40 1.48
N SER A 325 25.18 -4.99 1.08
CA SER A 325 25.41 -3.79 0.29
C SER A 325 26.61 -3.99 -0.64
N ASN A 326 26.35 -4.57 -1.84
CA ASN A 326 27.40 -4.80 -2.85
C ASN A 326 26.81 -4.71 -4.28
N MET A 327 26.20 -5.81 -4.81
CA MET A 327 25.65 -5.78 -6.17
C MET A 327 24.18 -6.27 -6.23
N ASN A 328 23.77 -6.76 -7.42
CA ASN A 328 22.44 -7.25 -7.79
C ASN A 328 21.96 -8.44 -6.93
N TYR A 329 22.86 -8.99 -6.06
CA TYR A 329 22.60 -10.13 -5.18
C TYR A 329 21.47 -9.82 -4.15
N TRP A 330 21.03 -8.55 -4.07
CA TRP A 330 19.96 -8.08 -3.20
C TRP A 330 18.61 -8.18 -3.93
N LEU A 331 18.63 -8.02 -5.26
CA LEU A 331 17.44 -8.07 -6.14
C LEU A 331 16.97 -9.50 -6.42
N ILE A 332 17.82 -10.50 -6.21
CA ILE A 332 17.49 -11.90 -6.52
C ILE A 332 16.67 -12.54 -5.35
N ILE A 333 16.14 -11.70 -4.43
CA ILE A 333 15.30 -12.16 -3.33
C ILE A 333 14.16 -11.09 -3.10
N ARG A 334 14.39 -9.81 -3.52
CA ARG A 334 13.41 -8.73 -3.39
C ARG A 334 12.47 -8.62 -4.61
N LEU A 335 12.96 -8.87 -5.84
CA LEU A 335 12.13 -8.81 -7.05
C LEU A 335 11.11 -9.97 -7.09
N PRO A 336 11.43 -11.23 -6.67
CA PRO A 336 10.41 -12.27 -6.70
C PRO A 336 9.34 -12.04 -5.62
N ILE A 337 9.70 -11.41 -4.47
CA ILE A 337 8.72 -11.06 -3.43
C ILE A 337 7.91 -9.86 -3.93
N LEU A 338 8.56 -8.86 -4.59
CA LEU A 338 7.83 -7.72 -5.16
C LEU A 338 6.80 -8.19 -6.21
N PHE A 339 7.20 -9.17 -7.07
CA PHE A 339 6.33 -9.78 -8.08
C PHE A 339 5.12 -10.45 -7.43
N ALA A 340 5.32 -11.12 -6.28
CA ALA A 340 4.24 -11.79 -5.55
C ALA A 340 3.25 -10.77 -4.99
N CYS A 341 3.74 -9.55 -4.66
CA CYS A 341 2.91 -8.49 -4.09
C CYS A 341 2.20 -7.71 -5.20
N ILE A 342 2.85 -7.51 -6.35
CA ILE A 342 2.23 -6.81 -7.49
C ILE A 342 1.01 -7.61 -7.96
N VAL A 343 1.16 -8.96 -8.11
CA VAL A 343 0.05 -9.83 -8.54
C VAL A 343 -1.02 -9.88 -7.43
N ASN A 344 -0.62 -9.91 -6.13
CA ASN A 344 -1.58 -9.90 -5.02
C ASN A 344 -2.44 -8.61 -5.03
N PHE A 345 -1.86 -7.44 -5.39
CA PHE A 345 -2.66 -6.22 -5.47
C PHE A 345 -3.54 -6.22 -6.74
N LEU A 346 -3.14 -6.97 -7.79
CA LEU A 346 -3.97 -7.06 -9.01
C LEU A 346 -5.20 -7.91 -8.70
N ILE A 347 -5.01 -9.03 -7.97
CA ILE A 347 -6.08 -9.93 -7.54
C ILE A 347 -7.00 -9.19 -6.57
N PHE A 348 -6.40 -8.39 -5.66
CA PHE A 348 -7.10 -7.57 -4.69
C PHE A 348 -8.13 -6.65 -5.38
N VAL A 349 -7.71 -5.92 -6.43
CA VAL A 349 -8.54 -5.00 -7.21
C VAL A 349 -9.65 -5.77 -7.94
N ARG A 350 -9.30 -6.87 -8.62
CA ARG A 350 -10.25 -7.64 -9.41
C ARG A 350 -11.34 -8.28 -8.49
N VAL A 351 -10.94 -8.95 -7.38
CA VAL A 351 -11.88 -9.60 -6.44
C VAL A 351 -12.86 -8.52 -5.87
N ILE A 352 -12.38 -7.30 -5.55
CA ILE A 352 -13.25 -6.23 -5.04
C ILE A 352 -14.33 -5.89 -6.11
N CYS A 353 -13.98 -5.90 -7.43
CA CYS A 353 -14.97 -5.66 -8.50
C CYS A 353 -15.98 -6.80 -8.58
N ILE A 354 -15.53 -8.07 -8.34
CA ILE A 354 -16.39 -9.26 -8.40
C ILE A 354 -17.38 -9.26 -7.21
N VAL A 355 -16.86 -9.08 -5.98
CA VAL A 355 -17.65 -9.10 -4.75
C VAL A 355 -18.74 -7.99 -4.80
N VAL A 356 -18.38 -6.73 -5.19
CA VAL A 356 -19.34 -5.62 -5.25
C VAL A 356 -20.36 -5.88 -6.39
N SER A 357 -19.96 -6.58 -7.48
CA SER A 357 -20.88 -6.94 -8.56
C SER A 357 -21.90 -7.96 -8.07
N LYS A 358 -21.42 -9.07 -7.46
CA LYS A 358 -22.27 -10.17 -6.97
C LYS A 358 -23.17 -9.70 -5.80
N LEU A 359 -22.74 -8.73 -4.97
CA LEU A 359 -23.57 -8.23 -3.86
C LEU A 359 -24.75 -7.39 -4.38
N LYS A 360 -24.49 -6.44 -5.31
CA LYS A 360 -25.54 -5.56 -5.87
C LYS A 360 -26.55 -6.36 -6.73
N ALA A 361 -26.06 -7.40 -7.46
CA ALA A 361 -26.90 -8.26 -8.30
C ALA A 361 -27.68 -9.29 -7.45
N ASN A 362 -27.46 -9.30 -6.10
CA ASN A 362 -28.07 -10.18 -5.09
C ASN A 362 -27.64 -11.67 -5.31
N LEU A 363 -26.51 -11.89 -6.03
CA LEU A 363 -25.93 -13.22 -6.30
C LEU A 363 -25.02 -13.69 -5.13
N MET A 364 -24.92 -12.85 -4.07
CA MET A 364 -24.12 -13.14 -2.88
C MET A 364 -24.64 -12.33 -1.68
N CYS A 365 -24.65 -12.96 -0.50
CA CYS A 365 -24.99 -12.32 0.77
C CYS A 365 -23.70 -12.15 1.57
N LYS A 366 -23.73 -11.34 2.64
CA LYS A 366 -22.51 -11.13 3.44
C LYS A 366 -22.29 -12.30 4.44
N THR A 367 -23.16 -13.34 4.39
CA THR A 367 -23.14 -14.51 5.29
C THR A 367 -22.55 -15.77 4.56
N ASP A 368 -21.92 -15.60 3.37
CA ASP A 368 -21.36 -16.72 2.61
C ASP A 368 -19.84 -16.80 2.80
N ILE A 369 -19.28 -18.05 2.73
CA ILE A 369 -17.84 -18.35 2.92
C ILE A 369 -16.98 -17.61 1.88
N ALA A 370 -17.54 -17.20 0.74
CA ALA A 370 -16.82 -16.45 -0.28
C ALA A 370 -16.67 -14.99 0.14
N PHE A 371 -17.69 -14.41 0.82
CA PHE A 371 -17.63 -13.03 1.29
C PHE A 371 -16.82 -12.95 2.57
N ARG A 372 -16.97 -13.95 3.47
CA ARG A 372 -16.19 -13.98 4.71
C ARG A 372 -14.70 -14.12 4.41
N LEU A 373 -14.36 -15.01 3.44
CA LEU A 373 -12.98 -15.26 3.03
C LEU A 373 -12.42 -14.03 2.35
N ALA A 374 -13.29 -13.26 1.65
CA ALA A 374 -12.88 -12.00 1.03
C ALA A 374 -12.59 -10.93 2.09
N LYS A 375 -13.35 -10.91 3.22
CA LYS A 375 -13.12 -9.96 4.32
C LYS A 375 -11.79 -10.19 5.06
N SER A 376 -11.17 -11.40 4.91
CA SER A 376 -9.93 -11.76 5.58
C SER A 376 -8.75 -11.70 4.62
N THR A 377 -8.90 -12.28 3.41
CA THR A 377 -7.84 -12.32 2.39
C THR A 377 -7.56 -10.88 1.87
N LEU A 378 -8.62 -10.09 1.57
CA LEU A 378 -8.45 -8.71 1.06
C LEU A 378 -7.93 -7.75 2.17
N THR A 379 -7.89 -8.20 3.44
CA THR A 379 -7.36 -7.42 4.56
C THR A 379 -5.85 -7.64 4.66
N LEU A 380 -5.41 -8.91 4.53
CA LEU A 380 -4.03 -9.34 4.66
C LEU A 380 -3.17 -8.91 3.46
N ILE A 381 -3.70 -8.91 2.23
CA ILE A 381 -2.95 -8.50 1.03
C ILE A 381 -2.39 -7.05 1.23
N PRO A 382 -3.20 -5.99 1.51
CA PRO A 382 -2.60 -4.67 1.72
C PRO A 382 -2.03 -4.50 3.13
N LEU A 383 -1.96 -5.57 3.93
CA LEU A 383 -1.44 -5.50 5.29
C LEU A 383 -0.06 -6.14 5.36
N LEU A 384 0.22 -7.06 4.42
CA LEU A 384 1.49 -7.77 4.36
C LEU A 384 2.27 -7.38 3.11
N CYS A 385 1.59 -6.99 2.01
CA CYS A 385 2.28 -6.67 0.76
C CYS A 385 2.36 -5.14 0.49
N THR A 386 1.81 -4.27 1.36
CA THR A 386 1.83 -2.83 1.05
C THR A 386 3.27 -2.28 1.24
N HIS A 387 3.99 -2.72 2.30
CA HIS A 387 5.35 -2.26 2.63
C HIS A 387 6.33 -2.54 1.48
N GLU A 388 6.32 -3.77 0.95
CA GLU A 388 7.19 -4.26 -0.13
C GLU A 388 7.04 -3.38 -1.41
N VAL A 389 5.82 -2.88 -1.69
CA VAL A 389 5.49 -2.07 -2.88
C VAL A 389 5.94 -0.59 -2.65
N ILE A 390 5.62 0.01 -1.48
CA ILE A 390 5.96 1.40 -1.15
C ILE A 390 7.50 1.59 -1.20
N PHE A 391 8.24 0.76 -0.46
CA PHE A 391 9.69 0.85 -0.41
C PHE A 391 10.31 -0.23 -1.32
N ALA A 392 9.89 -0.26 -2.61
CA ALA A 392 10.25 -1.25 -3.63
C ALA A 392 11.78 -1.33 -3.89
N PHE A 393 12.43 -0.21 -4.30
CA PHE A 393 13.86 -0.27 -4.62
C PHE A 393 14.66 0.66 -3.68
N VAL A 394 14.51 0.42 -2.39
CA VAL A 394 15.22 1.11 -1.32
C VAL A 394 15.82 0.06 -0.38
N MET A 395 17.15 0.15 -0.13
CA MET A 395 17.86 -0.79 0.73
C MET A 395 17.86 -0.30 2.19
N ASP A 396 18.44 0.91 2.44
CA ASP A 396 18.53 1.54 3.77
C ASP A 396 18.93 3.01 3.62
N ARG A 404 14.00 9.53 13.72
CA ARG A 404 13.34 8.76 12.67
C ARG A 404 13.55 7.25 12.88
N PHE A 405 14.69 6.86 13.47
CA PHE A 405 15.08 5.46 13.75
C PHE A 405 14.12 4.79 14.75
N ILE A 406 13.59 5.56 15.72
CA ILE A 406 12.64 5.07 16.74
C ILE A 406 11.29 4.79 16.05
N LYS A 407 10.83 5.73 15.21
CA LYS A 407 9.57 5.64 14.47
C LYS A 407 9.63 4.54 13.39
N LEU A 408 10.83 4.22 12.86
CA LEU A 408 11.00 3.18 11.84
C LEU A 408 11.04 1.80 12.51
N PHE A 409 11.58 1.73 13.76
CA PHE A 409 11.70 0.49 14.55
C PHE A 409 10.30 -0.08 14.92
N THR A 410 9.19 0.67 14.67
CA THR A 410 7.82 0.22 14.94
C THR A 410 7.37 -0.81 13.86
N GLU A 411 8.21 -1.03 12.83
CA GLU A 411 7.98 -2.03 11.78
C GLU A 411 8.09 -3.43 12.38
N LEU A 412 8.99 -3.59 13.37
CA LEU A 412 9.27 -4.83 14.11
C LEU A 412 8.03 -5.35 14.86
N SER A 413 7.10 -4.46 15.27
CA SER A 413 5.89 -4.86 15.97
C SER A 413 4.87 -5.47 14.98
N PHE A 414 4.73 -4.89 13.77
CA PHE A 414 3.81 -5.41 12.77
C PHE A 414 4.36 -6.68 12.10
N THR A 415 5.69 -6.87 12.08
CA THR A 415 6.28 -8.09 11.50
C THR A 415 6.17 -9.25 12.49
N SER A 416 6.08 -8.95 13.80
CA SER A 416 5.99 -9.96 14.85
C SER A 416 4.55 -10.42 15.04
N PHE A 417 3.59 -9.46 15.17
CA PHE A 417 2.18 -9.76 15.42
C PHE A 417 1.39 -10.08 14.12
N GLN A 418 2.07 -10.16 12.95
CA GLN A 418 1.36 -10.46 11.70
C GLN A 418 0.98 -11.96 11.67
N GLY A 419 1.72 -12.80 12.40
CA GLY A 419 1.42 -14.22 12.55
C GLY A 419 0.14 -14.41 13.33
N LEU A 420 -0.07 -13.56 14.36
CA LEU A 420 -1.26 -13.52 15.19
C LEU A 420 -2.48 -13.06 14.38
N MET A 421 -2.29 -12.05 13.52
CA MET A 421 -3.32 -11.46 12.64
C MET A 421 -3.83 -12.50 11.63
N VAL A 422 -2.93 -13.35 11.07
CA VAL A 422 -3.30 -14.40 10.11
C VAL A 422 -4.14 -15.47 10.85
N ALA A 423 -3.76 -15.79 12.10
CA ALA A 423 -4.46 -16.77 12.95
C ALA A 423 -5.86 -16.27 13.31
N ILE A 424 -5.99 -14.97 13.70
CA ILE A 424 -7.27 -14.34 14.07
C ILE A 424 -8.23 -14.33 12.88
N LEU A 425 -7.79 -13.81 11.71
CA LEU A 425 -8.63 -13.65 10.53
C LEU A 425 -9.00 -14.99 9.85
N TYR A 426 -8.14 -16.04 9.94
CA TYR A 426 -8.47 -17.31 9.28
C TYR A 426 -8.88 -18.42 10.26
N CYS A 427 -9.17 -18.09 11.54
CA CYS A 427 -9.61 -19.15 12.44
C CYS A 427 -10.52 -18.57 13.54
N PHE A 428 -9.98 -17.71 14.42
CA PHE A 428 -10.68 -17.18 15.58
C PHE A 428 -11.93 -16.32 15.20
N VAL A 429 -11.97 -15.68 14.00
CA VAL A 429 -13.14 -14.90 13.62
C VAL A 429 -14.06 -15.73 12.68
N ASN A 430 -13.60 -16.92 12.25
CA ASN A 430 -14.35 -17.79 11.34
C ASN A 430 -15.65 -18.27 12.01
N ASN A 431 -16.77 -18.12 11.32
CA ASN A 431 -18.09 -18.52 11.83
C ASN A 431 -18.23 -20.05 11.89
N GLU A 432 -17.58 -20.78 10.96
CA GLU A 432 -17.63 -22.24 10.89
C GLU A 432 -16.93 -22.90 12.11
N VAL A 433 -15.80 -22.33 12.59
CA VAL A 433 -15.09 -22.93 13.75
C VAL A 433 -15.92 -22.68 15.02
N GLN A 434 -16.60 -21.51 15.12
CA GLN A 434 -17.44 -21.13 16.25
C GLN A 434 -18.63 -22.09 16.39
N LEU A 435 -19.09 -22.67 15.25
CA LEU A 435 -20.15 -23.68 15.24
C LEU A 435 -19.64 -24.98 15.82
N GLU A 436 -18.38 -25.35 15.50
CA GLU A 436 -17.72 -26.58 15.96
C GLU A 436 -17.45 -26.53 17.47
N PHE A 437 -17.20 -25.32 18.03
CA PHE A 437 -17.01 -25.17 19.48
C PHE A 437 -18.37 -25.24 20.19
N ARG A 438 -19.41 -24.58 19.62
CA ARG A 438 -20.77 -24.55 20.17
C ARG A 438 -21.45 -25.93 20.08
N LYS A 439 -21.08 -26.72 19.06
CA LYS A 439 -21.64 -28.06 18.82
C LYS A 439 -21.01 -29.06 19.80
N SER A 440 -19.66 -29.06 19.94
CA SER A 440 -18.91 -29.94 20.85
C SER A 440 -19.28 -29.66 22.33
N TRP A 441 -19.57 -28.39 22.65
CA TRP A 441 -19.99 -27.92 23.97
C TRP A 441 -21.34 -28.53 24.36
N GLU A 442 -22.28 -28.63 23.39
CA GLU A 442 -23.60 -29.20 23.61
C GLU A 442 -23.50 -30.73 23.71
N ARG A 443 -22.56 -31.36 22.96
CA ARG A 443 -22.30 -32.81 22.97
C ARG A 443 -21.82 -33.28 24.35
N TRP A 444 -21.10 -32.41 25.08
CA TRP A 444 -20.58 -32.68 26.42
C TRP A 444 -21.73 -32.81 27.43
N ARG A 445 -22.74 -31.92 27.33
CA ARG A 445 -23.91 -31.91 28.19
C ARG A 445 -24.82 -33.10 27.87
N LEU A 446 -25.15 -33.31 26.58
CA LEU A 446 -26.00 -34.40 26.12
C LEU A 446 -25.16 -35.57 25.61
N SER B 10 -31.49 37.73 -14.18
CA SER B 10 -31.98 36.59 -14.94
C SER B 10 -31.41 35.27 -14.37
N PRO B 11 -32.21 34.15 -14.37
CA PRO B 11 -31.71 32.90 -13.78
C PRO B 11 -30.86 31.99 -14.67
N GLU B 12 -31.21 31.87 -15.97
CA GLU B 12 -30.44 31.10 -16.96
C GLU B 12 -29.14 31.84 -17.35
N GLU B 13 -29.20 33.20 -17.41
CA GLU B 13 -28.06 34.07 -17.71
C GLU B 13 -26.98 33.87 -16.64
N GLN B 14 -27.40 33.78 -15.37
CA GLN B 14 -26.52 33.54 -14.22
C GLN B 14 -25.94 32.12 -14.30
N LEU B 15 -26.79 31.12 -14.65
CA LEU B 15 -26.39 29.71 -14.79
C LEU B 15 -25.38 29.50 -15.92
N LEU B 16 -25.45 30.31 -16.98
CA LEU B 16 -24.56 30.24 -18.15
C LEU B 16 -23.22 30.94 -17.87
N PHE B 17 -23.26 32.09 -17.15
CA PHE B 17 -22.07 32.88 -16.81
C PHE B 17 -21.20 32.14 -15.79
N LEU B 18 -21.83 31.44 -14.82
CA LEU B 18 -21.13 30.64 -13.80
C LEU B 18 -20.41 29.46 -14.45
N TYR B 19 -20.91 28.97 -15.60
CA TYR B 19 -20.29 27.88 -16.36
C TYR B 19 -18.99 28.38 -17.02
N ILE B 20 -18.98 29.64 -17.50
CA ILE B 20 -17.83 30.24 -18.19
C ILE B 20 -16.67 30.43 -17.21
N ILE B 21 -16.90 31.12 -16.06
CA ILE B 21 -15.87 31.41 -15.04
C ILE B 21 -15.35 30.09 -14.39
N TYR B 22 -16.10 28.98 -14.52
CA TYR B 22 -15.71 27.68 -13.97
C TYR B 22 -14.84 26.93 -14.98
N THR B 23 -15.24 26.91 -16.26
CA THR B 23 -14.51 26.21 -17.32
C THR B 23 -13.23 26.98 -17.68
N VAL B 24 -13.25 28.35 -17.70
CA VAL B 24 -12.02 29.12 -17.99
C VAL B 24 -11.08 28.99 -16.78
N GLY B 25 -11.65 28.65 -15.62
CA GLY B 25 -10.91 28.41 -14.39
C GLY B 25 -10.04 27.18 -14.50
N TYR B 26 -10.65 26.05 -14.95
CA TYR B 26 -9.92 24.80 -15.15
C TYR B 26 -9.11 24.84 -16.46
N ALA B 27 -9.49 25.72 -17.43
CA ALA B 27 -8.72 25.91 -18.66
C ALA B 27 -7.38 26.60 -18.35
N LEU B 28 -7.42 27.72 -17.58
CA LEU B 28 -6.23 28.47 -17.17
C LEU B 28 -5.39 27.66 -16.19
N SER B 29 -6.03 26.83 -15.33
CA SER B 29 -5.33 25.98 -14.36
C SER B 29 -4.58 24.85 -15.09
N PHE B 30 -5.29 24.00 -15.86
CA PHE B 30 -4.71 22.89 -16.60
C PHE B 30 -3.47 23.34 -17.40
N SER B 31 -3.62 24.41 -18.21
CA SER B 31 -2.57 24.99 -19.04
C SER B 31 -1.36 25.39 -18.20
N ALA B 32 -1.56 26.22 -17.16
CA ALA B 32 -0.49 26.70 -16.28
C ALA B 32 0.19 25.55 -15.51
N LEU B 33 -0.57 24.51 -15.14
CA LEU B 33 -0.06 23.35 -14.40
C LEU B 33 0.77 22.43 -15.30
N VAL B 34 0.40 22.27 -16.59
CA VAL B 34 1.16 21.44 -17.53
C VAL B 34 2.47 22.21 -17.88
N ILE B 35 2.38 23.56 -18.01
CA ILE B 35 3.53 24.44 -18.26
C ILE B 35 4.48 24.40 -17.05
N ALA B 36 3.94 24.59 -15.82
CA ALA B 36 4.71 24.58 -14.58
C ALA B 36 5.43 23.24 -14.38
N SER B 37 4.74 22.11 -14.61
CA SER B 37 5.32 20.77 -14.48
C SER B 37 6.41 20.54 -15.54
N ALA B 38 6.23 21.08 -16.76
CA ALA B 38 7.21 20.98 -17.84
C ALA B 38 8.48 21.77 -17.51
N ILE B 39 8.34 22.92 -16.79
CA ILE B 39 9.47 23.76 -16.38
C ILE B 39 10.30 23.01 -15.33
N LEU B 40 9.66 22.44 -14.28
CA LEU B 40 10.34 21.72 -13.20
C LEU B 40 11.07 20.47 -13.72
N LEU B 41 10.51 19.79 -14.73
CA LEU B 41 11.15 18.60 -15.33
C LEU B 41 12.22 19.00 -16.37
N GLY B 42 11.90 20.00 -17.20
CA GLY B 42 12.76 20.50 -18.28
C GLY B 42 14.13 21.00 -17.87
N PHE B 43 14.19 21.88 -16.85
CA PHE B 43 15.45 22.44 -16.37
C PHE B 43 16.09 21.49 -15.35
N ARG B 44 17.33 21.06 -15.64
CA ARG B 44 18.14 20.09 -14.89
C ARG B 44 18.41 20.52 -13.44
N HIS B 45 18.65 21.82 -13.20
CA HIS B 45 18.99 22.34 -11.86
C HIS B 45 17.76 22.42 -10.95
N LEU B 46 16.56 22.12 -11.46
CA LEU B 46 15.33 22.15 -10.67
C LEU B 46 14.95 20.73 -10.18
N HIS B 47 15.79 19.73 -10.45
CA HIS B 47 15.51 18.35 -10.03
C HIS B 47 15.95 18.13 -8.57
N CYS B 48 15.11 18.59 -7.63
CA CYS B 48 15.31 18.45 -6.20
C CYS B 48 13.99 18.04 -5.53
N THR B 49 14.08 17.35 -4.35
CA THR B 49 12.96 16.80 -3.56
C THR B 49 11.82 17.82 -3.36
N ARG B 50 12.16 19.12 -3.13
CA ARG B 50 11.16 20.19 -2.97
C ARG B 50 10.28 20.32 -4.22
N ASN B 51 10.87 20.27 -5.44
CA ASN B 51 10.08 20.41 -6.65
C ASN B 51 9.40 19.09 -7.04
N TYR B 52 9.89 17.91 -6.57
CA TYR B 52 9.25 16.62 -6.89
C TYR B 52 7.91 16.48 -6.15
N ILE B 53 7.81 17.04 -4.93
CA ILE B 53 6.59 17.06 -4.11
C ILE B 53 5.55 17.96 -4.83
N HIS B 54 6.01 19.11 -5.37
CA HIS B 54 5.20 20.06 -6.15
C HIS B 54 4.58 19.38 -7.37
N LEU B 55 5.37 18.59 -8.13
CA LEU B 55 4.94 17.88 -9.34
C LEU B 55 3.81 16.89 -9.02
N ASN B 56 3.92 16.18 -7.88
CA ASN B 56 2.90 15.24 -7.41
C ASN B 56 1.64 15.97 -6.97
N LEU B 57 1.80 17.22 -6.47
CA LEU B 57 0.70 18.10 -6.09
C LEU B 57 0.03 18.64 -7.37
N PHE B 58 0.84 19.00 -8.41
CA PHE B 58 0.29 19.50 -9.68
C PHE B 58 -0.48 18.39 -10.39
N ALA B 59 0.05 17.16 -10.35
CA ALA B 59 -0.53 15.97 -10.97
C ALA B 59 -1.95 15.71 -10.45
N SER B 60 -2.18 15.93 -9.15
CA SER B 60 -3.50 15.74 -8.55
C SER B 60 -4.46 16.86 -9.03
N PHE B 61 -3.96 18.08 -9.31
CA PHE B 61 -4.80 19.17 -9.84
C PHE B 61 -5.02 19.00 -11.36
N ILE B 62 -4.06 18.38 -12.08
CA ILE B 62 -4.18 18.14 -13.54
C ILE B 62 -5.25 17.06 -13.77
N LEU B 63 -5.17 15.92 -13.04
CA LEU B 63 -6.13 14.82 -13.15
C LEU B 63 -7.53 15.24 -12.65
N ARG B 64 -7.62 16.23 -11.73
CA ARG B 64 -8.91 16.74 -11.26
C ARG B 64 -9.58 17.51 -12.38
N ALA B 65 -8.80 18.34 -13.10
CA ALA B 65 -9.24 19.12 -14.26
C ALA B 65 -9.66 18.19 -15.40
N LEU B 66 -8.91 17.09 -15.61
CA LEU B 66 -9.18 16.06 -16.64
C LEU B 66 -10.57 15.42 -16.41
N CYS B 67 -10.96 15.22 -15.12
CA CYS B 67 -12.28 14.67 -14.76
C CYS B 67 -13.36 15.70 -15.08
N VAL B 68 -13.07 17.00 -14.83
CA VAL B 68 -13.99 18.12 -15.08
C VAL B 68 -14.21 18.24 -16.61
N PHE B 69 -13.11 18.18 -17.41
CA PHE B 69 -13.22 18.31 -18.88
C PHE B 69 -13.89 17.09 -19.50
N PHE B 70 -13.68 15.88 -18.91
CA PHE B 70 -14.28 14.64 -19.43
C PHE B 70 -15.78 14.63 -19.17
N LYS B 71 -16.20 15.07 -17.96
CA LYS B 71 -17.62 15.13 -17.55
C LYS B 71 -18.38 16.07 -18.48
N ASP B 72 -17.77 17.23 -18.83
CA ASP B 72 -18.33 18.23 -19.73
C ASP B 72 -18.43 17.70 -21.17
N ALA B 73 -17.39 16.97 -21.64
CA ALA B 73 -17.32 16.41 -22.99
C ALA B 73 -18.29 15.23 -23.17
N ALA B 74 -18.44 14.37 -22.13
CA ALA B 74 -19.30 13.18 -22.19
C ALA B 74 -20.80 13.57 -22.14
N LEU B 75 -21.12 14.86 -21.86
CA LEU B 75 -22.50 15.36 -21.89
C LEU B 75 -23.06 15.34 -23.31
N LYS B 76 -22.14 15.35 -24.32
CA LYS B 76 -22.48 15.26 -25.75
C LYS B 76 -22.95 13.81 -26.04
N TRP B 77 -24.25 13.54 -25.74
CA TRP B 77 -24.95 12.24 -25.86
C TRP B 77 -24.24 11.16 -25.05
N LEU B 85 -30.16 6.07 -22.72
CA LEU B 85 -29.59 6.07 -21.37
C LEU B 85 -28.82 7.37 -21.11
N SER B 86 -29.29 8.17 -20.14
CA SER B 86 -28.70 9.46 -19.76
C SER B 86 -27.31 9.30 -19.14
N TYR B 87 -26.54 10.40 -19.09
CA TYR B 87 -25.18 10.43 -18.53
C TYR B 87 -25.21 10.25 -17.00
N GLN B 88 -26.27 10.74 -16.32
CA GLN B 88 -26.42 10.59 -14.86
C GLN B 88 -26.59 9.10 -14.46
N ASP B 89 -27.25 8.30 -15.32
CA ASP B 89 -27.51 6.87 -15.08
C ASP B 89 -26.32 5.97 -15.47
N SER B 90 -25.37 6.47 -16.30
CA SER B 90 -24.22 5.68 -16.78
C SER B 90 -23.23 5.37 -15.65
N LEU B 91 -22.57 4.20 -15.75
CA LEU B 91 -21.58 3.74 -14.77
C LEU B 91 -20.24 4.44 -15.02
N ALA B 92 -19.96 4.82 -16.29
CA ALA B 92 -18.75 5.53 -16.69
C ALA B 92 -18.60 6.87 -15.97
N CYS B 93 -19.72 7.58 -15.76
CA CYS B 93 -19.78 8.86 -15.04
C CYS B 93 -19.35 8.68 -13.58
N ARG B 94 -19.90 7.63 -12.93
CA ARG B 94 -19.65 7.29 -11.52
C ARG B 94 -18.15 7.03 -11.30
N LEU B 95 -17.47 6.41 -12.29
CA LEU B 95 -16.02 6.13 -12.27
C LEU B 95 -15.21 7.42 -12.38
N VAL B 96 -15.68 8.37 -13.23
CA VAL B 96 -15.07 9.69 -13.43
C VAL B 96 -15.23 10.52 -12.15
N PHE B 97 -16.42 10.46 -11.52
CA PHE B 97 -16.74 11.15 -10.28
C PHE B 97 -15.95 10.54 -9.11
N LEU B 98 -15.65 9.23 -9.15
CA LEU B 98 -14.84 8.56 -8.13
C LEU B 98 -13.38 8.98 -8.28
N LEU B 99 -12.91 9.10 -9.54
CA LEU B 99 -11.56 9.56 -9.87
C LEU B 99 -11.41 11.04 -9.50
N CSD B 100 -12.51 11.82 -9.63
CA CSD B 100 -12.55 13.23 -9.24
CB CSD B 100 -13.81 14.00 -9.73
SG CSD B 100 -13.79 15.74 -9.11
C CSD B 100 -12.34 13.36 -7.72
O CSD B 100 -11.45 14.09 -7.29
OD1 CSD B 100 -14.94 16.07 -8.30
OD2 CSD B 100 -14.02 16.61 -10.35
N GLN B 101 -13.13 12.59 -6.92
CA GLN B 101 -13.05 12.59 -5.46
C GLN B 101 -11.71 12.04 -4.97
N TYR B 102 -11.03 11.20 -5.77
CA TYR B 102 -9.70 10.70 -5.42
C TYR B 102 -8.67 11.83 -5.54
N CYS B 103 -8.81 12.67 -6.60
CA CYS B 103 -7.94 13.82 -6.85
C CYS B 103 -8.13 14.88 -5.77
N VAL B 104 -9.38 15.09 -5.29
CA VAL B 104 -9.66 16.08 -4.25
C VAL B 104 -8.92 15.66 -2.96
N ALA B 105 -9.05 14.38 -2.54
CA ALA B 105 -8.37 13.85 -1.35
C ALA B 105 -6.84 13.95 -1.52
N ALA B 106 -6.32 13.67 -2.73
CA ALA B 106 -4.89 13.74 -3.06
C ALA B 106 -4.37 15.20 -2.96
N ASN B 107 -5.20 16.19 -3.34
CA ASN B 107 -4.84 17.62 -3.23
C ASN B 107 -4.54 17.97 -1.78
N TYR B 108 -5.43 17.56 -0.84
CA TYR B 108 -5.35 17.84 0.60
C TYR B 108 -4.26 17.01 1.31
N TYR B 109 -3.77 15.91 0.70
CA TYR B 109 -2.72 15.14 1.36
C TYR B 109 -1.34 15.49 0.73
N TRP B 110 -1.29 15.90 -0.56
CA TRP B 110 -0.04 16.38 -1.14
C TRP B 110 0.23 17.78 -0.58
N LEU B 111 -0.83 18.47 -0.09
CA LEU B 111 -0.73 19.75 0.63
C LEU B 111 -0.22 19.48 2.06
N LEU B 112 -0.55 18.28 2.61
CA LEU B 112 -0.11 17.86 3.94
C LEU B 112 1.38 17.57 3.92
N VAL B 113 1.89 16.79 2.94
CA VAL B 113 3.33 16.48 2.86
C VAL B 113 4.09 17.77 2.49
N GLU B 114 3.39 18.73 1.84
CA GLU B 114 3.93 20.03 1.45
C GLU B 114 4.23 20.86 2.71
N GLY B 115 3.35 20.75 3.71
CA GLY B 115 3.50 21.37 5.02
C GLY B 115 4.47 20.62 5.91
N VAL B 116 4.47 19.27 5.81
CA VAL B 116 5.37 18.39 6.58
C VAL B 116 6.82 18.65 6.14
N TYR B 117 7.08 18.65 4.81
CA TYR B 117 8.40 18.91 4.24
C TYR B 117 8.93 20.28 4.69
N LEU B 118 8.08 21.32 4.65
CA LEU B 118 8.43 22.69 5.05
C LEU B 118 8.94 22.71 6.50
N TYR B 119 8.20 22.05 7.42
CA TYR B 119 8.51 21.97 8.85
C TYR B 119 9.86 21.28 9.08
N THR B 120 10.13 20.14 8.37
CA THR B 120 11.40 19.40 8.50
C THR B 120 12.56 20.20 7.89
N LEU B 121 12.26 21.04 6.86
CA LEU B 121 13.24 21.88 6.18
C LEU B 121 13.73 23.02 7.12
N LEU B 122 12.84 23.54 8.00
CA LEU B 122 13.16 24.60 8.98
C LEU B 122 13.94 24.05 10.17
N ALA B 123 13.77 22.75 10.47
CA ALA B 123 14.40 22.06 11.60
C ALA B 123 15.85 21.64 11.30
N PHE B 124 16.16 21.27 10.03
CA PHE B 124 17.50 20.83 9.66
C PHE B 124 18.40 22.04 9.48
N ASN B 125 19.63 21.97 10.00
CA ASN B 125 20.63 23.05 9.95
C ASN B 125 22.05 22.47 10.07
N ILE B 126 23.06 23.35 10.25
CA ILE B 126 24.49 23.02 10.35
C ILE B 126 24.75 22.17 11.63
N PHE B 127 24.00 22.39 12.73
CA PHE B 127 24.16 21.61 13.96
C PHE B 127 23.72 20.16 13.74
N GLU B 128 22.77 19.95 12.79
CA GLU B 128 22.23 18.63 12.41
C GLU B 128 23.05 17.99 11.27
N MET B 129 23.64 18.83 10.38
CA MET B 129 24.49 18.42 9.26
C MET B 129 25.75 17.76 9.78
N LEU B 130 26.47 18.47 10.67
CA LEU B 130 27.71 18.02 11.31
C LEU B 130 27.50 16.81 12.24
N ARG B 131 26.32 16.69 12.88
CA ARG B 131 26.02 15.57 13.79
C ARG B 131 25.94 14.25 13.01
N ILE B 132 25.58 14.32 11.71
CA ILE B 132 25.49 13.17 10.82
C ILE B 132 26.91 12.82 10.31
N ASP B 133 27.69 13.83 9.89
CA ASP B 133 29.03 13.65 9.33
C ASP B 133 30.09 13.33 10.41
N GLU B 134 30.22 14.18 11.42
CA GLU B 134 31.24 14.05 12.48
C GLU B 134 30.90 12.96 13.51
N GLY B 135 29.62 12.64 13.67
CA GLY B 135 29.17 11.64 14.63
C GLY B 135 29.30 12.07 16.07
N LEU B 136 29.26 11.11 17.01
CA LEU B 136 29.35 11.40 18.45
C LEU B 136 30.27 10.41 19.17
N ARG B 137 31.10 10.93 20.08
CA ARG B 137 32.00 10.13 20.91
C ARG B 137 31.73 10.38 22.39
N LEU B 138 31.70 9.30 23.18
CA LEU B 138 31.48 9.35 24.62
C LEU B 138 32.83 9.49 25.35
N LYS B 139 33.85 8.70 24.92
CA LYS B 139 35.21 8.70 25.47
C LYS B 139 36.22 9.33 24.49
N ILE B 140 37.41 9.73 25.00
CA ILE B 140 38.49 10.31 24.21
C ILE B 140 39.09 9.22 23.28
N TYR B 141 39.21 9.51 21.98
CA TYR B 141 39.73 8.56 21.00
C TYR B 141 40.95 9.10 20.25
N LYS B 142 42.00 8.26 20.09
CA LYS B 142 43.21 8.60 19.34
C LYS B 142 42.93 8.37 17.85
N ASP B 143 42.69 9.47 17.10
CA ASP B 143 42.33 9.45 15.69
C ASP B 143 43.55 9.06 14.82
N THR B 144 43.31 8.60 13.56
CA THR B 144 44.30 8.10 12.59
C THR B 144 45.49 9.07 12.36
N GLU B 145 45.27 10.41 12.42
CA GLU B 145 46.34 11.39 12.18
C GLU B 145 47.28 11.51 13.40
N GLY B 146 46.73 11.34 14.59
CA GLY B 146 47.48 11.45 15.83
C GLY B 146 46.82 12.36 16.85
N TYR B 147 45.68 12.96 16.49
CA TYR B 147 44.89 13.87 17.32
C TYR B 147 43.92 13.12 18.22
N TYR B 148 43.66 13.65 19.43
CA TYR B 148 42.69 13.07 20.35
C TYR B 148 41.37 13.82 20.20
N THR B 149 40.33 13.13 19.72
CA THR B 149 39.01 13.71 19.46
C THR B 149 37.97 13.11 20.44
N ILE B 150 36.88 13.86 20.67
CA ILE B 150 35.76 13.48 21.56
C ILE B 150 34.54 14.39 21.21
N GLY B 151 33.33 13.89 21.49
CA GLY B 151 32.09 14.60 21.21
C GLY B 151 31.77 14.61 19.73
N ILE B 152 31.39 15.78 19.19
CA ILE B 152 31.07 15.91 17.77
C ILE B 152 32.24 16.64 17.08
N GLY B 153 33.21 15.85 16.62
CA GLY B 153 34.41 16.29 15.90
C GLY B 153 35.27 17.34 16.58
N HIS B 154 35.41 17.26 17.91
CA HIS B 154 36.23 18.22 18.66
C HIS B 154 37.63 17.67 18.90
N LEU B 155 38.60 18.15 18.09
CA LEU B 155 40.01 17.76 18.23
C LEU B 155 40.65 18.55 19.37
N LEU B 156 41.61 17.94 20.06
CA LEU B 156 42.29 18.57 21.18
C LEU B 156 43.75 18.94 20.78
N THR B 157 44.71 18.00 20.92
CA THR B 157 46.11 18.21 20.55
C THR B 157 46.64 16.93 19.87
N LYS B 158 47.66 17.08 18.99
CA LYS B 158 48.29 15.98 18.25
C LYS B 158 49.32 15.25 19.13
N SER B 159 49.72 15.87 20.27
CA SER B 159 50.69 15.33 21.22
C SER B 159 50.30 13.91 21.66
N PRO B 160 51.19 12.90 21.44
CA PRO B 160 50.84 11.51 21.79
C PRO B 160 50.90 11.28 23.31
N SER B 161 49.86 11.73 24.02
CA SER B 161 49.73 11.62 25.48
C SER B 161 48.26 11.74 25.89
N LEU B 162 47.66 10.62 26.33
CA LEU B 162 46.27 10.52 26.78
C LEU B 162 46.10 11.28 28.12
N ASN B 163 47.15 11.26 28.96
CA ASN B 163 47.19 11.93 30.27
C ASN B 163 47.08 13.45 30.11
N ALA B 164 47.75 14.01 29.08
CA ALA B 164 47.71 15.45 28.79
C ALA B 164 46.44 15.83 28.01
N ALA B 165 45.91 14.90 27.18
CA ALA B 165 44.69 15.10 26.40
C ALA B 165 43.46 15.23 27.32
N LYS B 166 43.44 14.44 28.42
CA LYS B 166 42.39 14.45 29.43
C LYS B 166 42.47 15.73 30.27
N SER B 167 43.71 16.22 30.54
CA SER B 167 43.94 17.44 31.31
C SER B 167 43.67 18.68 30.45
N GLU B 168 43.78 18.57 29.12
CA GLU B 168 43.51 19.66 28.18
C GLU B 168 42.00 19.85 28.03
N LEU B 169 41.26 18.72 27.94
CA LEU B 169 39.80 18.68 27.81
C LEU B 169 39.12 19.18 29.10
N ASP B 170 39.73 18.89 30.27
CA ASP B 170 39.23 19.28 31.59
C ASP B 170 39.18 20.81 31.73
N LYS B 171 40.14 21.53 31.11
CA LYS B 171 40.19 23.00 31.12
C LYS B 171 39.09 23.56 30.22
N ALA B 172 38.76 22.84 29.12
CA ALA B 172 37.77 23.25 28.14
C ALA B 172 36.33 22.97 28.61
N ILE B 173 36.09 21.88 29.38
CA ILE B 173 34.74 21.53 29.82
C ILE B 173 34.47 22.11 31.24
N GLY B 174 35.50 22.17 32.09
CA GLY B 174 35.39 22.70 33.46
C GLY B 174 35.68 21.67 34.52
N ARG B 175 34.75 20.73 34.75
CA ARG B 175 34.88 19.66 35.75
C ARG B 175 35.87 18.58 35.28
N ASN B 176 36.28 17.67 36.19
CA ASN B 176 37.20 16.57 35.89
C ASN B 176 36.54 15.61 34.89
N THR B 177 37.24 15.33 33.77
CA THR B 177 36.74 14.50 32.68
C THR B 177 36.75 13.00 33.02
N ASN B 178 37.92 12.47 33.47
CA ASN B 178 38.20 11.05 33.78
C ASN B 178 38.29 10.23 32.47
N GLY B 179 37.41 10.53 31.51
CA GLY B 179 37.35 9.88 30.21
C GLY B 179 36.00 9.97 29.54
N VAL B 180 34.93 9.61 30.29
CA VAL B 180 33.55 9.60 29.79
C VAL B 180 32.94 11.02 29.92
N ILE B 181 32.38 11.53 28.80
CA ILE B 181 31.72 12.84 28.68
C ILE B 181 30.28 12.58 28.15
N THR B 182 29.27 13.10 28.87
CA THR B 182 27.83 12.92 28.55
C THR B 182 27.41 13.68 27.28
N LYS B 183 26.14 13.45 26.84
CA LYS B 183 25.50 14.03 25.66
C LYS B 183 25.39 15.58 25.75
N ASP B 184 25.02 16.11 26.93
CA ASP B 184 24.84 17.55 27.15
C ASP B 184 26.18 18.30 27.12
N GLU B 185 27.25 17.68 27.64
CA GLU B 185 28.59 18.29 27.68
C GLU B 185 29.19 18.38 26.26
N ALA B 186 28.96 17.35 25.42
CA ALA B 186 29.45 17.30 24.03
C ALA B 186 28.76 18.36 23.15
N GLU B 187 27.42 18.53 23.30
CA GLU B 187 26.60 19.52 22.59
C GLU B 187 27.00 20.95 22.97
N LYS B 188 27.42 21.16 24.23
CA LYS B 188 27.86 22.46 24.74
C LYS B 188 29.17 22.87 24.06
N LEU B 189 30.14 21.92 23.94
CA LEU B 189 31.43 22.15 23.29
C LEU B 189 31.28 22.19 21.76
N PHE B 190 30.25 21.50 21.21
CA PHE B 190 29.95 21.49 19.78
C PHE B 190 29.44 22.87 19.32
N ASN B 191 28.63 23.55 20.16
CA ASN B 191 28.13 24.89 19.84
C ASN B 191 29.28 25.91 19.84
N GLN B 192 30.31 25.68 20.69
CA GLN B 192 31.50 26.52 20.82
C GLN B 192 32.35 26.44 19.54
N ASP B 193 32.58 25.21 19.02
CA ASP B 193 33.37 24.95 17.82
C ASP B 193 32.74 25.55 16.58
N VAL B 194 31.40 25.47 16.45
CA VAL B 194 30.66 26.03 15.29
C VAL B 194 30.75 27.58 15.37
N ASP B 195 30.66 28.15 16.59
CA ASP B 195 30.81 29.59 16.81
C ASP B 195 32.26 30.01 16.51
N ALA B 196 33.23 29.11 16.77
CA ALA B 196 34.64 29.33 16.48
C ALA B 196 34.92 29.16 14.99
N ALA B 197 34.04 28.39 14.29
CA ALA B 197 34.15 28.14 12.85
C ALA B 197 33.64 29.33 12.04
N VAL B 198 32.56 29.99 12.51
CA VAL B 198 32.00 31.12 11.79
C VAL B 198 32.88 32.37 12.01
N ARG B 199 33.43 32.57 13.25
CA ARG B 199 34.31 33.72 13.53
C ARG B 199 35.59 33.64 12.70
N GLY B 200 36.06 32.42 12.40
CA GLY B 200 37.24 32.17 11.57
C GLY B 200 37.03 32.60 10.14
N ILE B 201 35.83 32.32 9.59
CA ILE B 201 35.41 32.66 8.24
C ILE B 201 35.37 34.20 8.09
N LEU B 202 34.67 34.88 9.03
CA LEU B 202 34.49 36.35 9.04
C LEU B 202 35.84 37.07 9.33
N ARG B 203 36.78 36.42 10.05
CA ARG B 203 38.11 36.98 10.32
C ARG B 203 39.04 36.78 9.11
N ASN B 204 38.72 35.81 8.22
CA ASN B 204 39.50 35.51 7.02
C ASN B 204 39.04 36.42 5.87
N ALA B 205 40.00 37.07 5.19
CA ALA B 205 39.77 38.03 4.10
C ALA B 205 39.32 37.33 2.80
N LYS B 206 39.64 36.03 2.63
CA LYS B 206 39.29 35.26 1.43
C LYS B 206 37.99 34.42 1.63
N LEU B 207 37.49 34.32 2.88
CA LEU B 207 36.29 33.53 3.18
C LEU B 207 35.06 34.40 3.49
N LYS B 208 35.23 35.61 4.06
CA LYS B 208 34.11 36.51 4.41
C LYS B 208 33.32 36.95 3.12
N PRO B 209 33.97 37.37 1.99
CA PRO B 209 33.18 37.80 0.82
C PRO B 209 32.31 36.69 0.22
N VAL B 210 32.83 35.43 0.16
CA VAL B 210 32.09 34.30 -0.41
C VAL B 210 30.98 33.89 0.61
N TYR B 211 31.26 33.90 1.93
CA TYR B 211 30.28 33.57 2.96
C TYR B 211 29.11 34.55 2.96
N ASP B 212 29.40 35.85 2.79
CA ASP B 212 28.37 36.89 2.78
C ASP B 212 27.58 36.85 1.46
N SER B 213 28.14 36.24 0.38
CA SER B 213 27.44 36.12 -0.89
C SER B 213 26.61 34.82 -0.94
N LEU B 214 27.00 33.80 -0.13
CA LEU B 214 26.29 32.52 -0.07
C LEU B 214 25.01 32.62 0.77
N ASP B 215 23.99 31.85 0.38
CA ASP B 215 22.72 31.68 1.08
C ASP B 215 22.93 30.82 2.33
N ALA B 216 22.00 30.86 3.30
CA ALA B 216 22.10 30.14 4.58
C ALA B 216 22.40 28.62 4.40
N VAL B 217 21.82 27.98 3.35
CA VAL B 217 21.99 26.55 3.09
C VAL B 217 23.44 26.27 2.61
N ARG B 218 23.95 27.06 1.63
CA ARG B 218 25.32 26.88 1.11
C ARG B 218 26.36 27.44 2.11
N ARG B 219 25.94 28.35 3.04
CA ARG B 219 26.81 28.87 4.11
C ARG B 219 27.23 27.75 5.04
N ALA B 220 26.26 26.88 5.41
CA ALA B 220 26.45 25.71 6.26
C ALA B 220 27.43 24.72 5.61
N ALA B 221 27.38 24.61 4.26
CA ALA B 221 28.30 23.76 3.50
C ALA B 221 29.73 24.29 3.62
N LEU B 222 29.91 25.63 3.68
CA LEU B 222 31.22 26.28 3.85
C LEU B 222 31.72 26.12 5.29
N ILE B 223 30.80 26.22 6.29
CA ILE B 223 31.11 26.04 7.72
C ILE B 223 31.55 24.58 7.98
N ASN B 224 30.87 23.61 7.33
CA ASN B 224 31.16 22.17 7.46
C ASN B 224 32.62 21.88 7.05
N MET B 225 33.15 22.56 6.00
CA MET B 225 34.53 22.36 5.52
C MET B 225 35.54 22.93 6.52
N VAL B 226 35.25 24.13 7.09
CA VAL B 226 36.07 24.83 8.10
C VAL B 226 36.10 23.98 9.39
N PHE B 227 34.96 23.31 9.71
CA PHE B 227 34.84 22.46 10.90
C PHE B 227 35.72 21.20 10.76
N GLN B 228 35.95 20.72 9.53
CA GLN B 228 36.78 19.53 9.28
C GLN B 228 38.26 19.90 9.05
N MET B 229 38.52 20.91 8.18
CA MET B 229 39.86 21.30 7.73
C MET B 229 40.44 22.48 8.55
N GLY B 230 39.70 23.60 8.59
CA GLY B 230 40.14 24.81 9.28
C GLY B 230 40.04 26.03 8.39
N GLU B 231 40.00 27.23 9.00
CA GLU B 231 39.88 28.51 8.29
C GLU B 231 41.04 28.73 7.28
N THR B 232 42.28 28.42 7.70
CA THR B 232 43.49 28.59 6.88
C THR B 232 43.61 27.48 5.80
N GLY B 233 42.97 26.34 6.03
CA GLY B 233 43.00 25.21 5.10
C GLY B 233 42.07 25.33 3.91
N VAL B 234 40.78 25.72 4.15
CA VAL B 234 39.77 25.87 3.09
C VAL B 234 40.04 27.16 2.29
N ALA B 235 40.83 28.10 2.85
CA ALA B 235 41.23 29.34 2.18
C ALA B 235 42.16 29.07 0.98
N GLY B 236 42.72 27.85 0.94
CA GLY B 236 43.59 27.38 -0.13
C GLY B 236 42.85 27.15 -1.43
N PHE B 237 41.52 26.91 -1.36
CA PHE B 237 40.66 26.68 -2.53
C PHE B 237 40.33 28.03 -3.22
N THR B 238 41.38 28.81 -3.57
CA THR B 238 41.27 30.13 -4.20
C THR B 238 40.52 30.03 -5.55
N ASN B 239 40.73 28.93 -6.29
CA ASN B 239 40.13 28.67 -7.58
C ASN B 239 38.63 28.31 -7.45
N SER B 240 38.24 27.61 -6.34
CA SER B 240 36.85 27.15 -6.10
C SER B 240 35.99 28.21 -5.39
N LEU B 241 36.54 28.93 -4.39
CA LEU B 241 35.82 29.96 -3.62
C LEU B 241 35.42 31.16 -4.49
N ARG B 242 36.19 31.44 -5.56
CA ARG B 242 35.93 32.55 -6.48
C ARG B 242 34.69 32.26 -7.34
N MET B 243 34.56 31.03 -7.88
CA MET B 243 33.43 30.66 -8.73
C MET B 243 32.18 30.35 -7.87
N LEU B 244 32.32 30.21 -6.52
CA LEU B 244 31.16 30.06 -5.62
C LEU B 244 30.50 31.43 -5.39
N GLN B 245 31.34 32.50 -5.31
CA GLN B 245 30.93 33.89 -5.13
C GLN B 245 30.28 34.42 -6.42
N GLN B 246 30.78 33.96 -7.60
CA GLN B 246 30.26 34.34 -8.92
C GLN B 246 28.96 33.56 -9.27
N LYS B 247 28.40 32.81 -8.30
CA LYS B 247 27.16 32.03 -8.38
C LYS B 247 27.30 30.84 -9.38
N ARG B 248 28.56 30.44 -9.74
CA ARG B 248 28.79 29.30 -10.64
C ARG B 248 28.96 28.05 -9.78
N TRP B 249 27.84 27.33 -9.55
CA TRP B 249 27.79 26.18 -8.64
C TRP B 249 28.41 24.93 -9.27
N ASP B 250 27.93 24.53 -10.46
CA ASP B 250 28.35 23.31 -11.15
C ASP B 250 29.82 23.38 -11.58
N GLU B 251 30.33 24.58 -11.89
CA GLU B 251 31.73 24.75 -12.28
C GLU B 251 32.63 24.53 -11.05
N ALA B 252 32.15 24.94 -9.86
CA ALA B 252 32.86 24.76 -8.60
C ALA B 252 32.74 23.32 -8.09
N ALA B 253 31.59 22.66 -8.41
CA ALA B 253 31.27 21.29 -7.99
C ALA B 253 32.28 20.28 -8.57
N VAL B 254 32.58 20.37 -9.88
CA VAL B 254 33.54 19.48 -10.56
C VAL B 254 34.98 19.88 -10.14
N ASN B 255 35.20 21.16 -9.74
CA ASN B 255 36.50 21.68 -9.31
C ASN B 255 36.88 21.12 -7.93
N LEU B 256 35.91 21.04 -6.99
CA LEU B 256 36.15 20.50 -5.62
C LEU B 256 36.37 18.97 -5.64
N ALA B 257 35.94 18.28 -6.74
CA ALA B 257 36.15 16.84 -6.90
C ALA B 257 37.61 16.54 -7.24
N LYS B 258 38.27 17.50 -7.93
CA LYS B 258 39.68 17.44 -8.33
C LYS B 258 40.57 18.03 -7.22
N SER B 259 40.23 17.77 -5.95
CA SER B 259 40.95 18.30 -4.79
C SER B 259 41.50 17.20 -3.87
N ARG B 260 42.42 17.61 -2.98
CA ARG B 260 43.06 16.80 -1.94
C ARG B 260 42.01 16.30 -0.93
N TRP B 261 40.98 17.12 -0.67
CA TRP B 261 39.88 16.90 0.26
C TRP B 261 38.94 15.79 -0.25
N TYR B 262 38.65 15.77 -1.58
CA TYR B 262 37.74 14.77 -2.16
C TYR B 262 38.36 13.37 -2.14
N ASN B 263 39.68 13.24 -2.39
CA ASN B 263 40.35 11.93 -2.39
C ASN B 263 40.62 11.44 -0.95
N GLN B 264 40.71 12.37 0.02
CA GLN B 264 40.96 12.07 1.44
C GLN B 264 39.68 11.48 2.07
N THR B 265 38.56 12.27 2.07
CA THR B 265 37.25 11.86 2.59
C THR B 265 36.21 12.05 1.46
N PRO B 266 35.92 11.00 0.65
CA PRO B 266 35.03 11.20 -0.51
C PRO B 266 33.54 11.22 -0.13
N ASN B 267 33.11 10.35 0.80
CA ASN B 267 31.70 10.24 1.20
C ASN B 267 31.20 11.53 1.85
N ARG B 268 32.04 12.22 2.65
CA ARG B 268 31.68 13.50 3.28
C ARG B 268 31.68 14.62 2.23
N ALA B 269 32.68 14.62 1.33
CA ALA B 269 32.83 15.63 0.26
C ALA B 269 31.65 15.59 -0.69
N LYS B 270 31.21 14.38 -1.10
CA LYS B 270 30.07 14.18 -2.00
C LYS B 270 28.80 14.86 -1.44
N ARG B 271 28.61 14.82 -0.11
CA ARG B 271 27.46 15.43 0.57
C ARG B 271 27.59 16.97 0.67
N VAL B 272 28.81 17.47 0.93
CA VAL B 272 29.08 18.90 1.05
C VAL B 272 29.01 19.58 -0.34
N ILE B 273 29.65 18.98 -1.37
CA ILE B 273 29.69 19.49 -2.75
C ILE B 273 28.25 19.53 -3.34
N THR B 274 27.39 18.52 -3.06
CA THR B 274 26.01 18.51 -3.54
C THR B 274 25.24 19.71 -2.95
N THR B 275 25.50 20.07 -1.67
CA THR B 275 24.85 21.20 -0.99
C THR B 275 25.27 22.53 -1.66
N PHE B 276 26.54 22.66 -2.10
CA PHE B 276 26.98 23.86 -2.83
C PHE B 276 26.40 23.92 -4.24
N ARG B 277 26.25 22.76 -4.87
CA ARG B 277 25.76 22.64 -6.24
C ARG B 277 24.24 22.89 -6.31
N THR B 278 23.45 22.21 -5.44
CA THR B 278 21.99 22.28 -5.45
C THR B 278 21.43 23.42 -4.57
N GLY B 279 21.97 23.59 -3.36
CA GLY B 279 21.50 24.58 -2.41
C GLY B 279 20.41 24.02 -1.50
N THR B 280 20.32 22.67 -1.41
CA THR B 280 19.34 21.94 -0.60
C THR B 280 20.06 20.91 0.29
N TRP B 281 19.31 20.29 1.22
CA TRP B 281 19.83 19.28 2.16
C TRP B 281 19.58 17.85 1.65
N ASP B 282 19.32 17.68 0.34
CA ASP B 282 18.97 16.41 -0.29
C ASP B 282 20.08 15.35 -0.16
N ALA B 283 21.37 15.75 0.00
CA ALA B 283 22.49 14.83 0.21
C ALA B 283 22.54 14.30 1.67
N TYR B 284 21.66 14.84 2.55
CA TYR B 284 21.50 14.46 3.96
C TYR B 284 20.10 13.90 4.20
N SER B 285 19.33 13.74 3.10
CA SER B 285 17.97 13.20 3.08
C SER B 285 17.99 11.70 2.82
N GLU B 286 16.94 11.01 3.29
CA GLU B 286 16.80 9.57 3.12
C GLU B 286 15.75 9.28 2.04
N GLN B 287 16.03 8.27 1.18
CA GLN B 287 15.21 7.83 0.04
C GLN B 287 13.84 7.29 0.51
N TRP B 288 13.75 6.74 1.74
CA TRP B 288 12.49 6.18 2.23
C TRP B 288 11.54 7.30 2.70
N ILE B 289 12.08 8.49 3.06
CA ILE B 289 11.30 9.64 3.50
C ILE B 289 10.38 10.07 2.34
N PHE B 290 10.89 10.12 1.08
CA PHE B 290 10.09 10.50 -0.07
C PHE B 290 9.06 9.41 -0.39
N ARG B 291 9.39 8.13 -0.09
CA ARG B 291 8.48 7.00 -0.29
C ARG B 291 7.32 7.05 0.70
N LEU B 292 7.54 7.64 1.88
CA LEU B 292 6.49 7.81 2.87
C LEU B 292 5.56 8.96 2.43
N TYR B 293 6.07 9.93 1.65
CA TYR B 293 5.25 11.04 1.17
C TYR B 293 4.33 10.56 0.02
N VAL B 294 4.84 9.83 -0.98
CA VAL B 294 4.02 9.35 -2.11
C VAL B 294 2.89 8.41 -1.57
N ALA B 295 3.15 7.71 -0.44
CA ALA B 295 2.17 6.83 0.22
C ALA B 295 1.08 7.65 0.97
N ILE B 296 1.41 8.89 1.39
CA ILE B 296 0.47 9.75 2.12
C ILE B 296 -0.41 10.53 1.11
N GLY B 297 0.20 11.05 0.05
CA GLY B 297 -0.51 11.80 -0.97
C GLY B 297 -1.43 10.98 -1.86
N TRP B 298 -0.95 9.82 -2.35
CA TRP B 298 -1.74 8.97 -3.24
C TRP B 298 -2.30 7.72 -2.52
N GLY B 299 -1.56 7.23 -1.51
CA GLY B 299 -1.94 6.04 -0.76
C GLY B 299 -3.04 6.20 0.27
N VAL B 300 -2.91 7.16 1.20
CA VAL B 300 -3.91 7.39 2.25
C VAL B 300 -5.30 7.72 1.59
N PRO B 301 -5.45 8.64 0.60
CA PRO B 301 -6.78 8.87 -0.01
C PRO B 301 -7.44 7.57 -0.51
N LEU B 302 -6.64 6.64 -1.03
CA LEU B 302 -7.11 5.36 -1.55
C LEU B 302 -7.78 4.50 -0.45
N LEU B 303 -7.43 4.75 0.84
CA LEU B 303 -7.96 3.99 1.99
C LEU B 303 -9.38 4.41 2.37
N PHE B 304 -9.81 5.66 2.07
CA PHE B 304 -11.16 6.11 2.45
C PHE B 304 -12.05 6.42 1.22
N VAL B 305 -11.45 6.65 0.03
CA VAL B 305 -12.20 6.94 -1.18
C VAL B 305 -12.80 5.64 -1.75
N VAL B 306 -12.09 4.49 -1.70
CA VAL B 306 -12.67 3.27 -2.27
C VAL B 306 -13.85 2.79 -1.34
N PRO B 307 -13.77 2.76 0.03
CA PRO B 307 -14.94 2.34 0.81
C PRO B 307 -16.15 3.25 0.58
N TRP B 308 -15.92 4.58 0.39
CA TRP B 308 -16.98 5.54 0.06
C TRP B 308 -17.61 5.18 -1.27
N GLY B 309 -16.78 4.83 -2.26
CA GLY B 309 -17.22 4.42 -3.59
C GLY B 309 -18.05 3.16 -3.55
N ILE B 310 -17.60 2.15 -2.78
CA ILE B 310 -18.24 0.83 -2.61
C ILE B 310 -19.65 1.00 -1.95
N VAL B 311 -19.74 1.76 -0.83
CA VAL B 311 -21.01 1.94 -0.10
C VAL B 311 -21.99 2.84 -0.92
N LYS B 312 -21.48 3.77 -1.77
CA LYS B 312 -22.36 4.61 -2.60
C LYS B 312 -22.91 3.81 -3.76
N TYR B 313 -22.10 2.92 -4.37
CA TYR B 313 -22.53 2.06 -5.48
C TYR B 313 -23.53 0.98 -5.00
N LEU B 314 -23.31 0.41 -3.80
CA LEU B 314 -24.15 -0.67 -3.28
C LEU B 314 -25.37 -0.18 -2.45
N TYR B 315 -25.18 0.77 -1.53
CA TYR B 315 -26.26 1.19 -0.63
C TYR B 315 -26.95 2.51 -1.07
N GLU B 316 -26.45 3.20 -2.12
CA GLU B 316 -27.14 4.38 -2.63
C GLU B 316 -27.28 4.23 -4.15
N ASP B 317 -26.46 4.96 -4.95
CA ASP B 317 -26.39 4.90 -6.41
C ASP B 317 -27.68 5.52 -7.02
N GLU B 318 -27.63 6.84 -7.29
CA GLU B 318 -28.74 7.60 -7.87
C GLU B 318 -28.21 8.88 -8.53
N GLY B 319 -27.95 8.80 -9.83
CA GLY B 319 -27.45 9.90 -10.65
C GLY B 319 -26.02 10.30 -10.35
N CYS B 320 -25.05 9.38 -10.62
CA CYS B 320 -23.59 9.54 -10.38
C CYS B 320 -23.33 9.87 -8.89
N TRP B 321 -24.23 9.39 -8.00
CA TRP B 321 -24.22 9.58 -6.55
C TRP B 321 -24.34 11.10 -6.22
N THR B 322 -25.35 11.78 -6.84
CA THR B 322 -25.61 13.21 -6.64
C THR B 322 -26.41 13.42 -5.36
N ARG B 323 -27.48 12.61 -5.16
CA ARG B 323 -28.37 12.65 -3.98
C ARG B 323 -27.63 12.09 -2.75
N ASN B 324 -26.61 12.83 -2.25
CA ASN B 324 -25.78 12.43 -1.12
C ASN B 324 -26.40 12.96 0.18
N SER B 325 -27.54 12.38 0.56
CA SER B 325 -28.29 12.72 1.77
C SER B 325 -28.99 11.46 2.30
N ASN B 326 -28.21 10.57 2.96
CA ASN B 326 -28.74 9.31 3.45
C ASN B 326 -28.32 9.10 4.92
N MET B 327 -27.12 8.50 5.16
CA MET B 327 -26.65 8.23 6.52
C MET B 327 -25.19 8.70 6.72
N ASN B 328 -24.43 7.95 7.54
CA ASN B 328 -23.03 8.16 7.92
C ASN B 328 -22.07 8.12 6.69
N TYR B 329 -22.62 7.96 5.47
CA TYR B 329 -21.87 7.78 4.23
C TYR B 329 -21.01 9.00 3.82
N TRP B 330 -21.49 10.27 4.02
CA TRP B 330 -20.71 11.43 3.57
C TRP B 330 -19.50 11.68 4.51
N LEU B 331 -19.54 11.13 5.74
CA LEU B 331 -18.47 11.27 6.72
C LEU B 331 -17.25 10.40 6.35
N ILE B 332 -17.44 9.35 5.51
CA ILE B 332 -16.36 8.44 5.07
C ILE B 332 -15.35 9.22 4.21
N ILE B 333 -15.79 10.30 3.54
CA ILE B 333 -14.92 11.08 2.67
C ILE B 333 -14.75 12.55 3.23
N ARG B 334 -15.56 12.98 4.24
CA ARG B 334 -15.45 14.34 4.80
C ARG B 334 -14.69 14.38 6.15
N LEU B 335 -14.63 13.26 6.91
CA LEU B 335 -13.84 13.20 8.15
C LEU B 335 -12.31 13.07 7.87
N PRO B 336 -11.83 12.32 6.85
CA PRO B 336 -10.37 12.27 6.64
C PRO B 336 -9.84 13.58 6.02
N ILE B 337 -10.65 14.26 5.16
CA ILE B 337 -10.27 15.55 4.55
C ILE B 337 -10.23 16.62 5.66
N LEU B 338 -11.22 16.62 6.59
CA LEU B 338 -11.25 17.55 7.72
C LEU B 338 -9.99 17.34 8.58
N PHE B 339 -9.62 16.05 8.85
CA PHE B 339 -8.42 15.69 9.60
C PHE B 339 -7.17 16.24 8.91
N ALA B 340 -7.10 16.18 7.57
CA ALA B 340 -5.97 16.69 6.80
C ALA B 340 -5.86 18.21 6.93
N CYS B 341 -7.01 18.90 7.11
CA CYS B 341 -7.06 20.36 7.23
C CYS B 341 -6.76 20.79 8.66
N ILE B 342 -7.23 20.03 9.67
CA ILE B 342 -6.97 20.35 11.08
C ILE B 342 -5.45 20.30 11.31
N VAL B 343 -4.76 19.23 10.83
CA VAL B 343 -3.31 19.09 10.99
C VAL B 343 -2.60 20.18 10.15
N ASN B 344 -3.09 20.52 8.94
CA ASN B 344 -2.50 21.59 8.11
C ASN B 344 -2.56 22.95 8.84
N PHE B 345 -3.64 23.24 9.60
CA PHE B 345 -3.69 24.50 10.34
C PHE B 345 -2.81 24.43 11.60
N LEU B 346 -2.53 23.22 12.13
CA LEU B 346 -1.63 23.09 13.28
C LEU B 346 -0.19 23.37 12.83
N ILE B 347 0.19 22.83 11.65
CA ILE B 347 1.51 23.02 11.03
C ILE B 347 1.65 24.50 10.66
N PHE B 348 0.57 25.10 10.13
CA PHE B 348 0.50 26.51 9.76
C PHE B 348 0.91 27.42 10.94
N VAL B 349 0.31 27.18 12.13
CA VAL B 349 0.56 27.96 13.35
C VAL B 349 2.00 27.74 13.83
N ARG B 350 2.46 26.48 13.87
CA ARG B 350 3.80 26.16 14.37
C ARG B 350 4.89 26.77 13.45
N VAL B 351 4.79 26.59 12.10
CA VAL B 351 5.78 27.12 11.14
C VAL B 351 5.85 28.67 11.27
N ILE B 352 4.71 29.37 11.46
CA ILE B 352 4.70 30.83 11.63
C ILE B 352 5.53 31.20 12.89
N CYS B 353 5.46 30.41 13.99
CA CYS B 353 6.26 30.66 15.20
C CYS B 353 7.75 30.44 14.91
N ILE B 354 8.10 29.42 14.07
CA ILE B 354 9.48 29.09 13.71
C ILE B 354 10.09 30.20 12.83
N VAL B 355 9.38 30.57 11.74
CA VAL B 355 9.83 31.57 10.78
C VAL B 355 10.06 32.94 11.49
N VAL B 356 9.10 33.40 12.34
CA VAL B 356 9.23 34.69 13.04
C VAL B 356 10.38 34.60 14.07
N SER B 357 10.62 33.40 14.66
CA SER B 357 11.73 33.21 15.60
C SER B 357 13.07 33.31 14.87
N LYS B 358 13.22 32.55 13.75
CA LYS B 358 14.44 32.49 12.96
C LYS B 358 14.74 33.86 12.26
N LEU B 359 13.72 34.67 11.93
CA LEU B 359 13.94 35.99 11.31
C LEU B 359 14.47 37.01 12.32
N LYS B 360 13.85 37.10 13.53
CA LYS B 360 14.27 38.06 14.57
C LYS B 360 15.67 37.68 15.12
N ALA B 361 16.01 36.37 15.13
CA ALA B 361 17.29 35.87 15.63
C ALA B 361 18.41 35.94 14.56
N ASN B 362 18.11 36.47 13.34
CA ASN B 362 19.02 36.64 12.18
C ASN B 362 19.47 35.26 11.59
N LEU B 363 18.84 34.16 12.04
CA LEU B 363 19.12 32.79 11.59
C LEU B 363 18.50 32.52 10.19
N MET B 364 17.74 33.49 9.66
CA MET B 364 17.08 33.38 8.35
C MET B 364 16.86 34.77 7.74
N CYS B 365 17.06 34.88 6.42
CA CYS B 365 16.77 36.09 5.64
C CYS B 365 15.52 35.83 4.81
N LYS B 366 14.92 36.87 4.23
CA LYS B 366 13.70 36.68 3.43
C LYS B 366 14.04 36.20 2.00
N THR B 367 15.35 35.97 1.71
CA THR B 367 15.87 35.56 0.39
C THR B 367 16.24 34.03 0.38
N ASP B 368 15.82 33.25 1.40
CA ASP B 368 16.12 31.81 1.49
C ASP B 368 14.92 30.98 1.03
N ILE B 369 15.20 29.78 0.44
CA ILE B 369 14.19 28.83 -0.09
C ILE B 369 13.22 28.37 1.01
N ALA B 370 13.63 28.46 2.29
CA ALA B 370 12.77 28.09 3.41
C ALA B 370 11.73 29.20 3.69
N PHE B 371 12.11 30.48 3.51
CA PHE B 371 11.19 31.59 3.71
C PHE B 371 10.29 31.77 2.49
N ARG B 372 10.82 31.59 1.27
CA ARG B 372 10.01 31.72 0.05
C ARG B 372 9.01 30.55 -0.05
N LEU B 373 9.39 29.34 0.42
CA LEU B 373 8.50 28.18 0.44
C LEU B 373 7.44 28.39 1.51
N ALA B 374 7.78 29.09 2.61
CA ALA B 374 6.82 29.43 3.65
C ALA B 374 5.81 30.47 3.15
N LYS B 375 6.21 31.42 2.25
CA LYS B 375 5.28 32.41 1.68
C LYS B 375 4.23 31.75 0.77
N SER B 376 4.52 30.60 0.17
CA SER B 376 3.58 29.91 -0.72
C SER B 376 2.76 28.90 0.03
N THR B 377 3.43 28.01 0.81
CA THR B 377 2.76 26.93 1.52
C THR B 377 1.79 27.51 2.58
N LEU B 378 2.22 28.51 3.37
CA LEU B 378 1.36 29.12 4.41
C LEU B 378 0.23 29.97 3.80
N THR B 379 0.26 30.22 2.48
CA THR B 379 -0.79 30.96 1.79
C THR B 379 -1.89 29.98 1.36
N LEU B 380 -1.48 28.83 0.80
CA LEU B 380 -2.37 27.79 0.26
C LEU B 380 -3.12 27.03 1.37
N ILE B 381 -2.50 26.78 2.55
CA ILE B 381 -3.16 26.07 3.66
C ILE B 381 -4.48 26.83 4.06
N PRO B 382 -4.49 28.14 4.41
CA PRO B 382 -5.76 28.78 4.74
C PRO B 382 -6.54 29.20 3.49
N LEU B 383 -6.08 28.80 2.29
CA LEU B 383 -6.76 29.17 1.04
C LEU B 383 -7.49 27.97 0.47
N LEU B 384 -7.05 26.76 0.82
CA LEU B 384 -7.63 25.51 0.36
C LEU B 384 -8.29 24.75 1.51
N CYS B 385 -7.81 24.91 2.76
CA CYS B 385 -8.36 24.16 3.89
C CYS B 385 -9.26 25.04 4.81
N THR B 386 -9.47 26.34 4.53
CA THR B 386 -10.27 27.15 5.44
C THR B 386 -11.78 26.76 5.30
N HIS B 387 -12.26 26.50 4.07
CA HIS B 387 -13.66 26.15 3.77
C HIS B 387 -14.11 24.88 4.52
N GLU B 388 -13.30 23.79 4.44
CA GLU B 388 -13.59 22.50 5.09
C GLU B 388 -13.72 22.61 6.62
N VAL B 389 -13.00 23.56 7.24
CA VAL B 389 -13.01 23.77 8.69
C VAL B 389 -14.25 24.64 9.09
N ILE B 390 -14.54 25.74 8.36
CA ILE B 390 -15.68 26.63 8.64
C ILE B 390 -17.01 25.84 8.55
N PHE B 391 -17.24 25.16 7.43
CA PHE B 391 -18.46 24.38 7.21
C PHE B 391 -18.17 22.89 7.46
N ALA B 392 -17.63 22.56 8.64
CA ALA B 392 -17.14 21.24 9.05
C ALA B 392 -18.22 20.14 9.00
N PHE B 393 -19.35 20.27 9.75
CA PHE B 393 -20.34 19.19 9.76
C PHE B 393 -21.70 19.69 9.22
N VAL B 394 -21.70 20.21 7.99
CA VAL B 394 -22.93 20.64 7.34
C VAL B 394 -22.99 19.91 5.97
N MET B 395 -24.20 19.43 5.61
CA MET B 395 -24.41 18.70 4.36
C MET B 395 -24.75 19.68 3.22
N ASP B 396 -25.88 20.42 3.35
CA ASP B 396 -26.36 21.40 2.37
C ASP B 396 -27.46 22.28 2.99
N ARG B 404 -29.09 34.28 -1.96
CA ARG B 404 -27.97 33.66 -1.27
C ARG B 404 -27.29 32.61 -2.15
N PHE B 405 -28.07 31.94 -3.03
CA PHE B 405 -27.60 30.89 -3.95
C PHE B 405 -26.60 31.43 -4.98
N ILE B 406 -26.77 32.71 -5.42
CA ILE B 406 -25.88 33.37 -6.39
C ILE B 406 -24.53 33.66 -5.70
N LYS B 407 -24.59 34.19 -4.46
CA LYS B 407 -23.41 34.52 -3.66
C LYS B 407 -22.65 33.26 -3.20
N LEU B 408 -23.35 32.11 -3.05
CA LEU B 408 -22.73 30.84 -2.65
C LEU B 408 -22.07 30.18 -3.88
N PHE B 409 -22.65 30.36 -5.09
CA PHE B 409 -22.14 29.82 -6.34
C PHE B 409 -20.76 30.40 -6.73
N THR B 410 -20.27 31.43 -6.00
CA THR B 410 -18.95 32.05 -6.22
C THR B 410 -17.82 31.12 -5.67
N GLU B 411 -18.21 30.01 -5.00
CA GLU B 411 -17.28 28.99 -4.50
C GLU B 411 -16.65 28.26 -5.68
N LEU B 412 -17.44 28.08 -6.76
CA LEU B 412 -17.06 27.41 -8.01
C LEU B 412 -15.89 28.11 -8.72
N SER B 413 -15.73 29.44 -8.52
CA SER B 413 -14.63 30.19 -9.13
C SER B 413 -13.31 29.93 -8.40
N PHE B 414 -13.34 29.85 -7.05
CA PHE B 414 -12.13 29.59 -6.27
C PHE B 414 -11.74 28.10 -6.32
N THR B 415 -12.69 27.19 -6.56
CA THR B 415 -12.37 25.75 -6.65
C THR B 415 -11.84 25.43 -8.08
N SER B 416 -12.04 26.36 -9.04
CA SER B 416 -11.58 26.17 -10.42
C SER B 416 -10.20 26.80 -10.62
N PHE B 417 -10.00 28.06 -10.19
CA PHE B 417 -8.74 28.79 -10.32
C PHE B 417 -7.72 28.44 -9.21
N GLN B 418 -8.03 27.46 -8.32
CA GLN B 418 -7.09 27.10 -7.25
C GLN B 418 -5.91 26.29 -7.85
N GLY B 419 -6.13 25.65 -8.99
CA GLY B 419 -5.10 24.92 -9.72
C GLY B 419 -4.09 25.89 -10.30
N LEU B 420 -4.58 27.06 -10.77
CA LEU B 420 -3.78 28.15 -11.30
C LEU B 420 -2.94 28.79 -10.18
N MET B 421 -3.54 28.98 -8.99
CA MET B 421 -2.92 29.58 -7.81
C MET B 421 -1.75 28.71 -7.30
N VAL B 422 -1.89 27.37 -7.35
CA VAL B 422 -0.83 26.43 -6.92
C VAL B 422 0.33 26.53 -7.92
N ALA B 423 0.03 26.66 -9.23
CA ALA B 423 1.02 26.80 -10.30
C ALA B 423 1.80 28.11 -10.17
N ILE B 424 1.08 29.23 -9.90
CA ILE B 424 1.68 30.57 -9.75
C ILE B 424 2.63 30.59 -8.54
N LEU B 425 2.16 30.15 -7.34
CA LEU B 425 2.93 30.22 -6.11
C LEU B 425 4.11 29.21 -6.07
N TYR B 426 4.01 28.05 -6.75
CA TYR B 426 5.10 27.07 -6.70
C TYR B 426 5.93 27.01 -8.00
N CYS B 427 5.77 27.97 -8.92
CA CYS B 427 6.59 27.93 -10.14
C CYS B 427 6.81 29.34 -10.67
N PHE B 428 5.75 30.00 -11.15
CA PHE B 428 5.83 31.30 -11.83
C PHE B 428 6.38 32.43 -10.90
N VAL B 429 6.23 32.34 -9.56
CA VAL B 429 6.78 33.39 -8.67
C VAL B 429 8.13 32.92 -8.07
N ASN B 430 8.53 31.65 -8.31
CA ASN B 430 9.78 31.08 -7.79
C ASN B 430 10.99 31.81 -8.38
N ASN B 431 11.91 32.24 -7.51
CA ASN B 431 13.11 32.97 -7.93
C ASN B 431 14.10 32.04 -8.66
N GLU B 432 14.14 30.74 -8.28
CA GLU B 432 15.05 29.75 -8.88
C GLU B 432 14.69 29.46 -10.35
N VAL B 433 13.37 29.41 -10.71
CA VAL B 433 12.98 29.13 -12.10
C VAL B 433 13.31 30.35 -12.97
N GLN B 434 13.16 31.58 -12.40
CA GLN B 434 13.44 32.84 -13.09
C GLN B 434 14.94 32.93 -13.46
N LEU B 435 15.81 32.29 -12.64
CA LEU B 435 17.24 32.21 -12.91
C LEU B 435 17.50 31.29 -14.09
N GLU B 436 16.75 30.17 -14.18
CA GLU B 436 16.88 29.17 -15.25
C GLU B 436 16.41 29.74 -16.60
N PHE B 437 15.42 30.66 -16.60
CA PHE B 437 14.97 31.33 -17.82
C PHE B 437 15.99 32.39 -18.25
N ARG B 438 16.53 33.16 -17.28
CA ARG B 438 17.51 34.22 -17.52
C ARG B 438 18.88 33.64 -17.94
N LYS B 439 19.20 32.43 -17.47
CA LYS B 439 20.45 31.73 -17.77
C LYS B 439 20.38 31.15 -19.19
N SER B 440 19.28 30.45 -19.54
CA SER B 440 19.07 29.83 -20.86
C SER B 440 19.00 30.91 -21.96
N TRP B 441 18.44 32.09 -21.63
CA TRP B 441 18.31 33.27 -22.49
C TRP B 441 19.70 33.81 -22.88
N GLU B 442 20.64 33.83 -21.91
CA GLU B 442 22.00 34.31 -22.12
C GLU B 442 22.80 33.26 -22.93
N ARG B 443 22.51 31.96 -22.72
CA ARG B 443 23.16 30.83 -23.43
C ARG B 443 22.86 30.88 -24.93
N TRP B 444 21.67 31.40 -25.30
CA TRP B 444 21.22 31.54 -26.69
C TRP B 444 22.08 32.58 -27.43
N ARG B 445 22.38 33.72 -26.76
CA ARG B 445 23.19 34.80 -27.30
C ARG B 445 24.67 34.37 -27.41
N LEU B 446 25.22 33.82 -26.30
CA LEU B 446 26.61 33.35 -26.25
C LEU B 446 26.68 31.84 -26.47
CAA 97V C . -15.45 -4.31 0.98
CAE 97V C . -13.42 -5.60 2.73
CAF 97V C . -12.36 -5.48 1.83
CAG 97V C . -11.06 -5.38 2.30
CAH 97V C . -10.80 -5.41 3.67
CAI 97V C . -11.84 -5.56 4.59
CAK 97V C . -12.41 -5.90 7.12
CAN 97V C . -12.90 -6.16 9.61
CAO 97V C . -13.34 -7.62 9.56
CAP 97V C . -12.39 -8.64 9.44
CAQ 97V C . -12.82 -9.96 9.38
CAR 97V C . -14.19 -10.25 9.44
CAS 97V C . -14.65 -11.70 9.36
CAV 97V C . -14.12 -14.06 8.56
NAJ 97V C . -11.51 -5.55 6.03
NAM 97V C . -11.98 -5.82 8.53
NAU 97V C . -13.79 -12.66 8.68
NAW 97V C . -15.27 -14.69 8.96
NAX 97V C . -15.15 -15.98 8.65
NAY 97V C . -13.99 -16.19 8.07
NAZ 97V C . -13.33 -15.03 8.00
OAC 97V C . -16.18 -5.63 3.38
OAD 97V C . -15.36 -7.13 1.29
OAL 97V C . -13.52 -6.26 6.87
OAT 97V C . -15.68 -12.02 9.85
SAB 97V C . -15.13 -5.71 2.11
CBA 97V C . -15.12 -9.23 9.54
CBB 97V C . -14.70 -7.90 9.59
CBC 97V C . -10.64 -5.36 8.94
CBD 97V C . -9.84 -6.18 9.76
CBE 97V C . -8.61 -5.72 10.23
CBF 97V C . -8.18 -4.42 9.94
CBG 97V C . -6.79 -3.90 10.44
CBH 97V C . -6.87 -2.41 10.85
CBI 97V C . -5.56 -1.87 11.44
CBJ 97V C . -4.97 -2.76 12.56
CBK 97V C . -4.91 -4.26 12.17
CBL 97V C . -6.23 -4.78 11.57
CBM 97V C . -9.00 -3.59 9.14
CBN 97V C . -10.24 -4.05 8.68
CBO 97V C . -13.16 -5.62 4.11
CAA 97V D . 5.37 34.02 7.34
CAE 97V D . 3.29 34.75 5.27
CAF 97V D . 2.38 33.95 5.97
CAG 97V D . 1.16 33.62 5.41
CAH 97V D . 0.82 34.09 4.14
CAI 97V D . 1.73 34.87 3.41
CAK 97V D . 2.11 36.05 1.09
CAN 97V D . 2.34 37.21 -1.17
CAO 97V D . 3.49 36.37 -1.73
CAP 97V D . 3.31 35.02 -2.05
CAQ 97V D . 4.38 34.27 -2.53
CAR 97V D . 5.63 34.88 -2.71
CAS 97V D . 6.82 34.07 -3.24
CAV 97V D . 7.84 31.78 -3.66
NAJ 97V D . 1.29 35.34 2.08
NAM 97V D . 1.54 36.47 -0.20
NAU 97V D . 6.75 32.62 -3.21
NAW 97V D . 7.85 30.41 -3.67
NAX 97V D . 9.04 30.01 -4.14
NAY 97V D . 9.77 31.07 -4.42
NAZ 97V D . 9.05 32.17 -4.14
OAC 97V D . 4.88 36.71 6.63
OAD 97V D . 6.08 35.13 4.85
OAL 97V D . 3.26 36.29 1.33
OAT 97V D . 7.79 34.63 -3.64
SAB 97V D . 4.92 35.18 6.02
CBA 97V D . 5.80 36.23 -2.39
CBB 97V D . 4.74 36.97 -1.89
CBC 97V D . 0.12 36.25 -0.55
CBD 97V D . -0.22 35.56 -1.72
CBE 97V D . -1.56 35.41 -2.09
CBF 97V D . -2.58 35.98 -1.30
CBG 97V D . -4.09 35.80 -1.67
CBH 97V D . -4.93 37.04 -1.27
CBI 97V D . -6.42 36.92 -1.64
CBJ 97V D . -6.63 36.52 -3.11
CBK 97V D . -5.79 35.30 -3.53
CBL 97V D . -4.30 35.40 -3.15
CBM 97V D . -2.23 36.68 -0.14
CBN 97V D . -0.88 36.86 0.21
CBO 97V D . 2.96 35.22 3.99
#